data_5UIK
#
_entry.id   5UIK
#
_cell.length_a   66.237
_cell.length_b   69.199
_cell.length_c   200.641
_cell.angle_alpha   90.00
_cell.angle_beta   90.00
_cell.angle_gamma   90.00
#
_symmetry.space_group_name_H-M   'P 21 21 21'
#
loop_
_entity.id
_entity.type
_entity.pdbx_description
1 polymer Formyltransferase
2 non-polymer '(3R,4S,5R,6R)-4-amino-3,5-dihydroxy-6-methyloxan-2-yl][hydroxy-[[(2R,3S,5R)-3-hydroxy-5-(5-methyl-2,4-dioxopyrimidin-1-yl)oxolan-2-yl]methoxy]phosphoryl] hydrogen phosphate'
3 non-polymer 'N-{[4-({[(6R)-2-amino-5-formyl-4-oxo-1,4,5,6,7,8-hexahydropteridin-6-yl]methyl}amino)phenyl]carbonyl}-L-glutamic acid'
4 non-polymer 'SODIUM ION'
5 water water
#
_entity_poly.entity_id   1
_entity_poly.type   'polypeptide(L)'
_entity_poly.pdbx_seq_one_letter_code
;GGGGGGHMKIIIAGKNDIAVNVTRWLQKKKKNIEIYAICNANDTGIDTFQRSFKKYCKDNLIPIISLAEAYKIDDAIFLS
LEFDKIVQPSKFNHNELFNIHFSYLPKYKGMYTSAWPILNGEDTSGVTLHKIDHGIDTGAIIAQKEIIIQPFETAKDLYE
KYISEGTSLVIDNISTLLNSEYVEKEQNIKYSSYYSKKTIDYSNLELNFSKTAFEIINQLRAFTFREYQLPKLDGVNIFL
GDVLSSRSIMKPGSILERNDKEIIVSTIDYDVVLYKDNFKEILEACKYSDSKYIAKLIRAKSILFEKNIYGWSPVIVAAY
HGNIELIKWLVSKGANINDRNYKGTTVAMYFKDYMLKSGDYSGLKMLIDLGLDLTLTDYKDYTVFDYLEKSGNKNLLQYM
MAFMK
;
_entity_poly.pdbx_strand_id   A,B
#
# COMPACT_ATOMS: atom_id res chain seq x y z
N HIS A 7 -15.46 3.05 -44.43
CA HIS A 7 -16.81 2.47 -44.13
C HIS A 7 -16.82 1.73 -42.81
N MET A 8 -16.29 2.38 -41.77
CA MET A 8 -16.13 1.79 -40.44
C MET A 8 -17.22 2.21 -39.48
N LYS A 9 -17.38 1.37 -38.45
CA LYS A 9 -18.28 1.64 -37.36
C LYS A 9 -17.49 1.57 -36.04
N ILE A 10 -17.82 2.47 -35.12
CA ILE A 10 -17.26 2.46 -33.77
C ILE A 10 -18.36 2.77 -32.78
N ILE A 11 -18.34 2.06 -31.66
CA ILE A 11 -19.28 2.27 -30.57
C ILE A 11 -18.47 2.86 -29.41
N ILE A 12 -18.90 4.03 -28.94
CA ILE A 12 -18.26 4.74 -27.85
C ILE A 12 -19.24 4.69 -26.67
N ALA A 13 -18.84 4.04 -25.58
CA ALA A 13 -19.68 3.86 -24.43
C ALA A 13 -18.96 4.48 -23.25
N GLY A 14 -19.60 5.46 -22.63
CA GLY A 14 -18.95 6.19 -21.53
C GLY A 14 -19.55 7.54 -21.24
N LYS A 15 -18.77 8.38 -20.56
CA LYS A 15 -19.23 9.68 -20.13
C LYS A 15 -18.07 10.67 -20.15
N ASN A 16 -18.38 11.93 -19.82
CA ASN A 16 -17.39 12.95 -19.44
C ASN A 16 -16.47 13.43 -20.58
N ASP A 17 -15.48 14.28 -20.25
CA ASP A 17 -14.65 14.94 -21.28
C ASP A 17 -13.84 13.96 -22.10
N ILE A 18 -13.50 12.83 -21.55
CA ILE A 18 -12.87 11.79 -22.29
C ILE A 18 -13.78 11.24 -23.43
N ALA A 19 -15.04 10.94 -23.14
CA ALA A 19 -15.92 10.45 -24.20
C ALA A 19 -16.19 11.54 -25.21
N VAL A 20 -16.38 12.75 -24.69
CA VAL A 20 -16.60 13.88 -25.56
C VAL A 20 -15.36 14.12 -26.46
N ASN A 21 -14.19 14.32 -25.85
CA ASN A 21 -13.05 14.73 -26.67
C ASN A 21 -12.54 13.64 -27.62
N VAL A 22 -12.63 12.37 -27.23
CA VAL A 22 -12.34 11.29 -28.18
C VAL A 22 -13.28 11.39 -29.37
N THR A 23 -14.55 11.64 -29.08
CA THR A 23 -15.59 11.63 -30.12
C THR A 23 -15.40 12.85 -31.04
N ARG A 24 -15.15 14.01 -30.46
CA ARG A 24 -14.82 15.18 -31.27
C ARG A 24 -13.70 14.85 -32.26
N TRP A 25 -12.62 14.27 -31.76
CA TRP A 25 -11.49 13.88 -32.58
C TRP A 25 -11.89 12.94 -33.71
N LEU A 26 -12.68 11.91 -33.39
CA LEU A 26 -13.18 11.00 -34.44
C LEU A 26 -14.02 11.66 -35.52
N GLN A 27 -14.83 12.63 -35.15
CA GLN A 27 -15.67 13.34 -36.10
C GLN A 27 -14.89 14.19 -37.08
N LYS A 28 -13.85 14.86 -36.58
CA LYS A 28 -12.97 15.66 -37.42
C LYS A 28 -11.97 14.85 -38.19
N LYS A 29 -11.38 13.85 -37.56
CA LYS A 29 -10.29 13.12 -38.17
C LYS A 29 -10.76 11.88 -38.95
N LYS A 30 -11.83 11.21 -38.52
CA LYS A 30 -12.43 10.06 -39.26
C LYS A 30 -13.82 10.46 -39.78
N LYS A 31 -13.84 11.48 -40.66
CA LYS A 31 -15.11 12.06 -41.21
C LYS A 31 -16.25 11.06 -41.54
N ASN A 32 -15.89 9.89 -42.06
CA ASN A 32 -16.82 8.96 -42.68
C ASN A 32 -17.09 7.69 -41.82
N ILE A 33 -16.64 7.71 -40.58
CA ILE A 33 -16.96 6.61 -39.69
C ILE A 33 -18.37 6.77 -39.13
N GLU A 34 -19.13 5.70 -39.05
CA GLU A 34 -20.40 5.77 -38.34
C GLU A 34 -20.13 5.56 -36.85
N ILE A 35 -20.52 6.53 -36.04
CA ILE A 35 -20.35 6.46 -34.58
C ILE A 35 -21.71 6.20 -33.94
N TYR A 36 -21.72 5.25 -32.99
CA TYR A 36 -22.84 5.00 -32.07
C TYR A 36 -22.39 5.19 -30.60
N ALA A 37 -23.27 5.76 -29.79
CA ALA A 37 -22.94 6.15 -28.43
C ALA A 37 -23.78 5.41 -27.43
N ILE A 38 -23.16 5.02 -26.31
CA ILE A 38 -23.90 4.59 -25.14
C ILE A 38 -23.54 5.48 -23.95
N CYS A 39 -24.57 6.01 -23.31
CA CYS A 39 -24.43 6.88 -22.19
C CYS A 39 -24.58 6.13 -20.87
N ASN A 40 -23.94 6.64 -19.83
CA ASN A 40 -24.06 6.14 -18.48
C ASN A 40 -25.36 6.61 -17.82
N ALA A 41 -25.88 5.77 -16.92
CA ALA A 41 -27.17 6.03 -16.24
C ALA A 41 -27.28 7.41 -15.62
N ASN A 42 -26.23 7.85 -14.93
CA ASN A 42 -26.29 9.14 -14.27
C ASN A 42 -25.93 10.35 -15.17
N ASP A 43 -25.92 10.18 -16.50
CA ASP A 43 -25.71 11.27 -17.43
C ASP A 43 -27.04 12.04 -17.56
N THR A 44 -27.03 13.23 -16.98
CA THR A 44 -28.18 14.10 -16.92
C THR A 44 -28.42 14.86 -18.24
N GLY A 45 -27.57 14.70 -19.25
CA GLY A 45 -27.75 15.44 -20.48
C GLY A 45 -27.49 16.93 -20.32
N ILE A 46 -26.92 17.34 -19.18
CA ILE A 46 -26.55 18.72 -18.87
C ILE A 46 -25.08 18.74 -18.50
N ASP A 47 -24.37 19.76 -18.96
CA ASP A 47 -22.97 19.95 -18.66
C ASP A 47 -22.80 20.38 -17.21
N THR A 48 -21.89 19.72 -16.50
CA THR A 48 -21.46 20.13 -15.14
C THR A 48 -19.95 20.31 -15.27
N PHE A 49 -19.20 20.03 -14.19
CA PHE A 49 -17.74 20.21 -14.25
C PHE A 49 -17.07 19.32 -15.29
N GLN A 50 -17.77 18.25 -15.69
CA GLN A 50 -17.47 17.52 -16.92
C GLN A 50 -18.59 17.77 -17.88
N ARG A 51 -18.29 17.65 -19.16
CA ARG A 51 -19.28 17.74 -20.20
C ARG A 51 -20.20 16.54 -20.12
N SER A 52 -21.46 16.73 -20.48
CA SER A 52 -22.40 15.60 -20.72
C SER A 52 -22.13 14.95 -22.09
N PHE A 53 -21.78 13.68 -22.09
CA PHE A 53 -21.66 12.95 -23.36
C PHE A 53 -23.00 12.81 -24.09
N LYS A 54 -24.08 12.60 -23.35
CA LYS A 54 -25.41 12.54 -23.94
C LYS A 54 -25.73 13.86 -24.71
N LYS A 55 -25.49 14.98 -24.06
CA LYS A 55 -25.79 16.24 -24.69
C LYS A 55 -24.93 16.40 -25.95
N TYR A 56 -23.64 16.09 -25.87
CA TYR A 56 -22.76 16.20 -27.06
C TYR A 56 -23.34 15.40 -28.24
N CYS A 57 -23.69 14.15 -27.98
CA CYS A 57 -24.23 13.27 -29.03
C CYS A 57 -25.52 13.82 -29.64
N LYS A 58 -26.43 14.28 -28.79
CA LYS A 58 -27.66 14.90 -29.30
C LYS A 58 -27.31 16.07 -30.23
N ASP A 59 -26.57 17.05 -29.70
CA ASP A 59 -26.15 18.23 -30.44
C ASP A 59 -25.37 17.90 -31.73
N ASN A 60 -24.66 16.78 -31.80
CA ASN A 60 -23.85 16.48 -32.99
C ASN A 60 -24.31 15.29 -33.82
N LEU A 61 -25.59 14.93 -33.67
CA LEU A 61 -26.26 13.91 -34.49
C LEU A 61 -25.63 12.53 -34.38
N ILE A 62 -25.24 12.15 -33.16
CA ILE A 62 -24.72 10.82 -32.89
C ILE A 62 -25.85 9.98 -32.26
N PRO A 63 -26.23 8.88 -32.93
CA PRO A 63 -27.26 8.07 -32.33
C PRO A 63 -26.85 7.57 -30.95
N ILE A 64 -27.84 7.52 -30.06
CA ILE A 64 -27.65 6.98 -28.74
C ILE A 64 -28.40 5.65 -28.68
N ILE A 65 -27.65 4.60 -28.37
CA ILE A 65 -28.20 3.23 -28.30
C ILE A 65 -28.08 2.65 -26.89
N SER A 66 -28.75 1.53 -26.71
CA SER A 66 -28.61 0.70 -25.50
C SER A 66 -27.44 -0.24 -25.72
N LEU A 67 -26.98 -0.84 -24.63
CA LEU A 67 -25.97 -1.92 -24.70
C LEU A 67 -26.55 -3.15 -25.38
N ALA A 68 -27.81 -3.46 -25.04
CA ALA A 68 -28.54 -4.52 -25.74
C ALA A 68 -28.45 -4.35 -27.25
N GLU A 69 -28.87 -3.18 -27.76
CA GLU A 69 -28.78 -2.90 -29.20
C GLU A 69 -27.34 -3.00 -29.73
N ALA A 70 -26.35 -2.57 -28.93
CA ALA A 70 -24.95 -2.60 -29.37
C ALA A 70 -24.36 -4.00 -29.55
N TYR A 71 -24.72 -4.92 -28.66
CA TYR A 71 -24.36 -6.33 -28.83
C TYR A 71 -24.76 -6.85 -30.20
N LYS A 72 -25.92 -6.43 -30.71
CA LYS A 72 -26.36 -6.89 -32.03
C LYS A 72 -25.68 -6.23 -33.25
N ILE A 73 -24.71 -5.34 -33.06
CA ILE A 73 -24.04 -4.70 -34.20
C ILE A 73 -22.90 -5.60 -34.62
N ASP A 74 -22.68 -5.67 -35.94
CA ASP A 74 -21.51 -6.32 -36.55
C ASP A 74 -20.59 -5.30 -37.25
N ASP A 75 -19.31 -5.69 -37.33
CA ASP A 75 -18.22 -4.89 -37.93
C ASP A 75 -18.08 -3.54 -37.25
N ALA A 76 -18.08 -3.58 -35.94
CA ALA A 76 -17.93 -2.39 -35.11
C ALA A 76 -16.87 -2.64 -34.04
N ILE A 77 -16.03 -1.66 -33.79
CA ILE A 77 -15.15 -1.63 -32.63
C ILE A 77 -16.05 -1.15 -31.48
N PHE A 78 -15.77 -1.64 -30.26
CA PHE A 78 -16.43 -1.16 -29.05
C PHE A 78 -15.37 -0.54 -28.15
N LEU A 79 -15.62 0.69 -27.70
CA LEU A 79 -14.67 1.45 -26.90
C LEU A 79 -15.38 2.11 -25.74
N SER A 80 -15.01 1.61 -24.59
CA SER A 80 -15.52 1.97 -23.29
C SER A 80 -14.61 3.06 -22.66
N LEU A 81 -15.18 4.15 -22.21
CA LEU A 81 -14.45 5.33 -21.71
C LEU A 81 -15.16 5.77 -20.45
N GLU A 82 -14.82 5.18 -19.31
CA GLU A 82 -15.51 5.42 -18.05
C GLU A 82 -16.98 5.03 -18.12
N PHE A 83 -17.23 3.94 -18.82
CA PHE A 83 -18.55 3.34 -18.94
C PHE A 83 -18.94 2.69 -17.62
N ASP A 84 -20.24 2.60 -17.33
CA ASP A 84 -20.74 2.16 -16.01
C ASP A 84 -21.37 0.76 -15.97
N LYS A 85 -21.51 0.08 -17.10
CA LYS A 85 -22.17 -1.23 -17.13
C LYS A 85 -21.22 -2.31 -17.61
N ILE A 86 -21.34 -3.50 -17.02
CA ILE A 86 -20.51 -4.64 -17.36
C ILE A 86 -20.84 -5.03 -18.77
N VAL A 87 -19.80 -5.18 -19.58
CA VAL A 87 -19.91 -5.62 -20.94
C VAL A 87 -19.51 -7.09 -20.95
N GLN A 88 -20.21 -7.90 -21.72
CA GLN A 88 -20.02 -9.35 -21.73
C GLN A 88 -19.52 -9.73 -23.12
N PRO A 89 -18.19 -9.95 -23.27
CA PRO A 89 -17.57 -10.19 -24.56
C PRO A 89 -18.23 -11.21 -25.46
N SER A 90 -18.71 -12.31 -24.87
CA SER A 90 -19.40 -13.38 -25.61
C SER A 90 -20.58 -12.88 -26.48
N LYS A 91 -21.23 -11.80 -26.06
CA LYS A 91 -22.44 -11.29 -26.72
C LYS A 91 -22.21 -10.48 -28.00
N PHE A 92 -20.95 -10.23 -28.41
CA PHE A 92 -20.65 -9.68 -29.75
C PHE A 92 -20.17 -10.79 -30.67
N ASN A 93 -20.27 -10.56 -31.98
CA ASN A 93 -19.80 -11.49 -33.00
C ASN A 93 -18.29 -11.36 -33.33
N HIS A 94 -17.58 -10.59 -32.53
CA HIS A 94 -16.17 -10.36 -32.75
C HIS A 94 -15.59 -10.08 -31.37
N ASN A 95 -14.29 -9.81 -31.32
CA ASN A 95 -13.63 -9.57 -30.05
C ASN A 95 -12.78 -8.29 -29.98
N GLU A 96 -13.28 -7.24 -30.61
CA GLU A 96 -12.56 -6.01 -30.76
C GLU A 96 -13.22 -5.08 -29.76
N LEU A 97 -12.98 -5.39 -28.49
CA LEU A 97 -13.61 -4.72 -27.39
C LEU A 97 -12.51 -4.06 -26.56
N PHE A 98 -12.61 -2.76 -26.35
CA PHE A 98 -11.53 -1.97 -25.79
C PHE A 98 -11.97 -1.04 -24.68
N ASN A 99 -11.01 -0.67 -23.83
CA ASN A 99 -11.30 0.11 -22.62
C ASN A 99 -10.14 0.97 -22.20
N ILE A 100 -10.42 2.19 -21.71
CA ILE A 100 -9.43 2.96 -20.99
C ILE A 100 -9.83 2.81 -19.52
N HIS A 101 -8.86 2.37 -18.72
CA HIS A 101 -8.90 2.32 -17.28
C HIS A 101 -7.90 3.29 -16.69
N PHE A 102 -8.31 3.99 -15.64
CA PHE A 102 -7.52 5.02 -15.02
C PHE A 102 -6.60 4.48 -13.91
N SER A 103 -5.70 3.55 -14.28
CA SER A 103 -4.53 3.17 -13.47
C SER A 103 -3.44 2.64 -14.39
N TYR A 104 -2.25 2.44 -13.82
CA TYR A 104 -1.17 1.73 -14.53
C TYR A 104 -1.37 0.26 -14.16
N LEU A 105 -2.10 -0.47 -15.01
CA LEU A 105 -2.43 -1.85 -14.75
C LEU A 105 -1.14 -2.69 -14.83
N PRO A 106 -1.05 -3.83 -14.12
CA PRO A 106 -2.16 -4.43 -13.33
C PRO A 106 -2.45 -3.83 -11.94
N LYS A 107 -1.74 -2.77 -11.52
CA LYS A 107 -2.10 -2.11 -10.27
C LYS A 107 -3.41 -1.34 -10.40
N TYR A 108 -4.09 -1.25 -9.27
CA TYR A 108 -5.32 -0.52 -9.07
C TYR A 108 -6.38 -0.78 -10.09
N LYS A 109 -6.61 -2.06 -10.34
CA LYS A 109 -7.85 -2.54 -10.97
C LYS A 109 -9.03 -2.13 -10.12
N GLY A 110 -10.18 -1.93 -10.75
CA GLY A 110 -11.41 -1.60 -10.05
C GLY A 110 -11.68 -0.11 -9.85
N MET A 111 -12.09 0.23 -8.65
CA MET A 111 -12.82 1.46 -8.38
C MET A 111 -11.99 2.50 -7.66
N TYR A 112 -12.42 3.75 -7.74
CA TYR A 112 -11.85 4.89 -6.99
C TYR A 112 -10.34 5.11 -7.19
N THR A 113 -9.91 4.98 -8.44
CA THR A 113 -8.50 5.07 -8.77
C THR A 113 -7.92 6.47 -8.63
N SER A 114 -8.76 7.47 -8.45
CA SER A 114 -8.29 8.80 -8.13
C SER A 114 -8.02 8.93 -6.64
N ALA A 115 -8.62 8.10 -5.79
CA ALA A 115 -8.39 8.21 -4.35
C ALA A 115 -7.36 7.21 -3.84
N TRP A 116 -7.55 5.94 -4.22
CA TRP A 116 -6.73 4.89 -3.62
C TRP A 116 -5.23 5.09 -3.75
N PRO A 117 -4.74 5.41 -4.95
CA PRO A 117 -3.29 5.64 -5.02
C PRO A 117 -2.84 6.74 -4.10
N ILE A 118 -3.64 7.79 -3.93
CA ILE A 118 -3.25 8.91 -3.10
C ILE A 118 -3.21 8.47 -1.62
N LEU A 119 -4.29 7.81 -1.19
CA LEU A 119 -4.40 7.20 0.13
C LEU A 119 -3.20 6.34 0.46
N ASN A 120 -2.76 5.54 -0.51
CA ASN A 120 -1.63 4.61 -0.26
C ASN A 120 -0.28 5.23 -0.40
N GLY A 121 -0.19 6.54 -0.66
CA GLY A 121 1.09 7.24 -0.65
C GLY A 121 1.92 7.07 -1.90
N GLU A 122 1.26 6.81 -3.03
CA GLU A 122 1.91 6.70 -4.34
C GLU A 122 2.40 8.04 -4.81
N ASP A 123 3.50 8.02 -5.57
CA ASP A 123 3.99 9.17 -6.35
C ASP A 123 3.48 9.14 -7.80
N THR A 124 3.00 8.00 -8.26
CA THR A 124 2.62 7.83 -9.64
C THR A 124 1.33 7.06 -9.78
N SER A 125 0.67 7.29 -10.92
CA SER A 125 -0.38 6.38 -11.38
C SER A 125 -0.18 6.18 -12.89
N GLY A 126 -1.28 6.03 -13.62
CA GLY A 126 -1.22 5.87 -15.06
C GLY A 126 -2.59 5.70 -15.68
N VAL A 127 -2.59 5.55 -17.01
CA VAL A 127 -3.76 5.11 -17.80
C VAL A 127 -3.33 3.96 -18.65
N THR A 128 -4.31 3.12 -18.95
CA THR A 128 -4.08 1.92 -19.68
C THR A 128 -5.19 1.68 -20.69
N LEU A 129 -4.75 1.36 -21.91
CA LEU A 129 -5.59 0.86 -22.98
C LEU A 129 -5.48 -0.65 -23.05
N HIS A 130 -6.60 -1.33 -22.89
CA HIS A 130 -6.59 -2.78 -22.87
C HIS A 130 -7.88 -3.35 -23.42
N LYS A 131 -7.89 -4.67 -23.57
CA LYS A 131 -9.06 -5.39 -24.04
C LYS A 131 -10.08 -5.56 -22.93
N ILE A 132 -11.35 -5.66 -23.30
CA ILE A 132 -12.40 -6.03 -22.34
C ILE A 132 -12.55 -7.54 -22.47
N ASP A 133 -12.21 -8.28 -21.42
CA ASP A 133 -12.63 -9.67 -21.34
C ASP A 133 -13.69 -9.76 -20.20
N HIS A 134 -13.96 -10.96 -19.74
CA HIS A 134 -15.11 -11.25 -18.89
C HIS A 134 -14.94 -10.57 -17.52
N GLY A 135 -13.70 -10.53 -17.04
CA GLY A 135 -13.44 -9.99 -15.71
C GLY A 135 -13.46 -8.47 -15.61
N ILE A 136 -13.11 -8.00 -14.43
CA ILE A 136 -13.10 -6.59 -14.07
C ILE A 136 -11.68 -6.07 -14.28
N ASP A 137 -11.47 -5.32 -15.37
CA ASP A 137 -10.14 -4.77 -15.71
C ASP A 137 -9.04 -5.86 -15.80
N THR A 138 -9.44 -7.02 -16.29
CA THR A 138 -8.58 -8.18 -16.46
C THR A 138 -7.91 -8.31 -17.85
N GLY A 139 -8.41 -7.60 -18.86
CA GLY A 139 -8.00 -7.83 -20.26
C GLY A 139 -6.61 -7.36 -20.64
N ALA A 140 -6.15 -7.88 -21.78
CA ALA A 140 -4.76 -7.70 -22.15
C ALA A 140 -4.42 -6.27 -22.53
N ILE A 141 -3.20 -5.86 -22.19
CA ILE A 141 -2.78 -4.50 -22.28
C ILE A 141 -2.27 -4.23 -23.66
N ILE A 142 -2.61 -3.06 -24.19
CA ILE A 142 -2.20 -2.62 -25.52
C ILE A 142 -1.20 -1.48 -25.41
N ALA A 143 -1.47 -0.52 -24.54
CA ALA A 143 -0.61 0.66 -24.34
C ALA A 143 -0.91 1.31 -22.99
N GLN A 144 0.11 1.95 -22.44
CA GLN A 144 0.03 2.60 -21.14
C GLN A 144 0.84 3.89 -21.15
N LYS A 145 0.53 4.75 -20.18
CA LYS A 145 1.26 5.99 -19.95
C LYS A 145 1.37 6.18 -18.45
N GLU A 146 2.58 6.40 -17.96
CA GLU A 146 2.77 6.68 -16.56
C GLU A 146 2.38 8.14 -16.30
N ILE A 147 1.82 8.40 -15.12
CA ILE A 147 1.38 9.71 -14.68
C ILE A 147 2.02 10.04 -13.33
N ILE A 148 2.64 11.22 -13.22
CA ILE A 148 3.23 11.69 -11.96
C ILE A 148 2.12 12.31 -11.14
N ILE A 149 2.10 12.02 -9.85
CA ILE A 149 1.20 12.71 -8.93
C ILE A 149 2.05 13.64 -8.13
N GLN A 150 1.78 14.93 -8.16
CA GLN A 150 2.58 15.86 -7.35
C GLN A 150 2.10 15.76 -5.89
N PRO A 151 2.96 16.02 -4.92
CA PRO A 151 2.62 15.76 -3.50
C PRO A 151 1.55 16.68 -2.93
N PHE A 152 1.18 17.71 -3.68
CA PHE A 152 0.10 18.61 -3.32
C PHE A 152 -1.24 18.31 -4.03
N GLU A 153 -1.26 17.45 -5.04
CA GLU A 153 -2.43 17.32 -5.89
C GLU A 153 -3.51 16.44 -5.27
N THR A 154 -4.74 16.74 -5.64
CA THR A 154 -5.92 16.18 -5.03
C THR A 154 -6.47 15.12 -5.90
N ALA A 155 -7.48 14.43 -5.39
CA ALA A 155 -8.13 13.39 -6.19
C ALA A 155 -8.72 13.98 -7.47
N LYS A 156 -9.09 15.28 -7.42
CA LYS A 156 -9.63 15.93 -8.59
C LYS A 156 -8.52 16.26 -9.60
N ASP A 157 -7.41 16.80 -9.15
CA ASP A 157 -6.31 17.03 -10.07
C ASP A 157 -5.88 15.75 -10.78
N LEU A 158 -5.80 14.66 -10.03
CA LEU A 158 -5.48 13.37 -10.60
C LEU A 158 -6.53 12.89 -11.58
N TYR A 159 -7.81 13.00 -11.23
CA TYR A 159 -8.91 12.66 -12.13
C TYR A 159 -8.80 13.43 -13.45
N GLU A 160 -8.50 14.73 -13.37
CA GLU A 160 -8.31 15.58 -14.53
C GLU A 160 -7.10 15.16 -15.39
N LYS A 161 -6.02 14.71 -14.76
CA LYS A 161 -4.90 14.13 -15.49
C LYS A 161 -5.32 12.84 -16.17
N TYR A 162 -6.11 12.01 -15.49
CA TYR A 162 -6.58 10.80 -16.14
C TYR A 162 -7.41 11.10 -17.38
N ILE A 163 -8.32 12.04 -17.25
CA ILE A 163 -9.19 12.40 -18.37
C ILE A 163 -8.32 12.86 -19.55
N SER A 164 -7.37 13.74 -19.28
CA SER A 164 -6.49 14.33 -20.31
C SER A 164 -5.64 13.25 -20.99
N GLU A 165 -4.92 12.49 -20.19
CA GLU A 165 -3.98 11.49 -20.70
C GLU A 165 -4.69 10.31 -21.30
N GLY A 166 -5.88 9.98 -20.77
CA GLY A 166 -6.68 8.90 -21.31
C GLY A 166 -7.16 9.22 -22.71
N THR A 167 -7.62 10.46 -22.89
CA THR A 167 -7.97 10.96 -24.19
C THR A 167 -6.80 10.81 -25.17
N SER A 168 -5.64 11.41 -24.82
CA SER A 168 -4.43 11.34 -25.69
C SER A 168 -4.04 9.94 -26.11
N LEU A 169 -4.10 9.03 -25.14
CA LEU A 169 -3.75 7.63 -25.36
C LEU A 169 -4.70 6.92 -26.32
N VAL A 170 -6.00 7.18 -26.21
CA VAL A 170 -6.95 6.62 -27.16
C VAL A 170 -6.58 7.16 -28.54
N ILE A 171 -6.36 8.46 -28.60
CA ILE A 171 -5.97 9.13 -29.83
C ILE A 171 -4.70 8.59 -30.47
N ASP A 172 -3.65 8.30 -29.70
CA ASP A 172 -2.43 7.76 -30.31
C ASP A 172 -2.53 6.30 -30.74
N ASN A 173 -3.62 5.61 -30.39
CA ASN A 173 -3.81 4.21 -30.73
C ASN A 173 -5.03 3.87 -31.54
N ILE A 174 -5.88 4.86 -31.83
CA ILE A 174 -7.21 4.50 -32.35
C ILE A 174 -7.15 3.95 -33.80
N SER A 175 -6.26 4.47 -34.63
CA SER A 175 -6.09 3.86 -35.97
C SER A 175 -5.77 2.37 -35.86
N THR A 176 -4.87 1.99 -34.95
CA THR A 176 -4.54 0.58 -34.81
C THR A 176 -5.71 -0.24 -34.26
N LEU A 177 -6.58 0.36 -33.45
CA LEU A 177 -7.78 -0.40 -33.03
C LEU A 177 -8.70 -0.61 -34.25
N LEU A 178 -8.91 0.44 -35.03
CA LEU A 178 -9.85 0.36 -36.14
C LEU A 178 -9.35 -0.59 -37.24
N ASN A 179 -8.04 -0.62 -37.45
CA ASN A 179 -7.41 -1.44 -38.49
C ASN A 179 -6.94 -2.81 -38.06
N SER A 180 -7.18 -3.17 -36.79
CA SER A 180 -6.68 -4.43 -36.22
C SER A 180 -5.19 -4.53 -36.41
N GLU A 181 -4.48 -3.46 -36.12
CA GLU A 181 -3.06 -3.38 -36.35
C GLU A 181 -2.32 -3.28 -35.02
N TYR A 182 -2.99 -3.64 -33.92
CA TYR A 182 -2.47 -3.42 -32.54
C TYR A 182 -1.91 -4.73 -31.97
N VAL A 183 -0.99 -4.62 -31.02
CA VAL A 183 -0.45 -5.75 -30.28
C VAL A 183 -0.94 -5.67 -28.82
N GLU A 184 -1.29 -6.83 -28.25
CA GLU A 184 -1.72 -6.94 -26.85
C GLU A 184 -0.77 -7.86 -26.12
N LYS A 185 -0.72 -7.74 -24.80
CA LYS A 185 0.01 -8.66 -23.93
C LYS A 185 -0.83 -8.87 -22.63
N GLU A 186 -0.97 -10.13 -22.20
CA GLU A 186 -1.73 -10.43 -20.99
C GLU A 186 -1.10 -9.73 -19.78
N GLN A 187 -1.95 -9.29 -18.85
CA GLN A 187 -1.50 -8.62 -17.63
C GLN A 187 -0.75 -9.57 -16.73
N ASN A 188 0.33 -9.06 -16.14
CA ASN A 188 1.08 -9.85 -15.15
C ASN A 188 0.28 -10.24 -13.93
N ILE A 189 0.75 -11.29 -13.28
CA ILE A 189 0.23 -11.70 -11.99
C ILE A 189 0.78 -10.77 -10.91
N LYS A 190 2.09 -10.55 -10.96
CA LYS A 190 2.76 -9.90 -9.89
C LYS A 190 2.40 -8.40 -9.87
N TYR A 191 2.21 -7.89 -8.64
CA TYR A 191 1.84 -6.49 -8.31
C TYR A 191 0.41 -6.08 -8.63
N SER A 192 -0.44 -7.04 -8.93
CA SER A 192 -1.82 -6.79 -9.25
C SER A 192 -2.53 -6.35 -7.95
N SER A 193 -3.41 -5.36 -8.07
CA SER A 193 -4.21 -4.99 -6.92
C SER A 193 -5.56 -4.53 -7.40
N TYR A 194 -6.59 -4.78 -6.60
CA TYR A 194 -7.98 -4.48 -6.93
C TYR A 194 -8.73 -3.92 -5.71
N TYR A 195 -9.54 -2.89 -5.94
CA TYR A 195 -10.41 -2.31 -4.91
C TYR A 195 -11.84 -2.29 -5.42
N SER A 196 -12.72 -2.97 -4.69
CA SER A 196 -14.15 -2.99 -5.01
C SER A 196 -14.82 -1.68 -4.58
N LYS A 197 -16.09 -1.55 -4.95
CA LYS A 197 -16.93 -0.42 -4.50
C LYS A 197 -17.07 -0.39 -2.99
N LYS A 198 -17.02 -1.55 -2.34
CA LYS A 198 -17.04 -1.62 -0.89
C LYS A 198 -15.87 -0.90 -0.15
N THR A 199 -14.74 -0.71 -0.83
CA THR A 199 -13.52 -0.32 -0.12
C THR A 199 -13.56 1.10 0.40
N ILE A 200 -14.39 1.95 -0.21
CA ILE A 200 -14.71 3.28 0.28
C ILE A 200 -16.24 3.41 0.20
N ASP A 201 -16.80 3.99 1.26
CA ASP A 201 -18.21 4.25 1.32
C ASP A 201 -18.21 5.73 1.30
N TYR A 202 -18.30 6.25 0.08
CA TYR A 202 -18.46 7.69 -0.07
C TYR A 202 -19.72 8.25 0.63
N SER A 203 -20.74 7.41 0.89
CA SER A 203 -21.93 7.79 1.69
C SER A 203 -21.66 8.05 3.16
N ASN A 204 -20.49 7.63 3.64
CA ASN A 204 -20.19 7.60 5.06
C ASN A 204 -18.70 7.85 5.30
N LEU A 205 -18.18 8.96 4.79
CA LEU A 205 -16.75 9.28 4.93
C LEU A 205 -16.41 9.67 6.34
N GLU A 206 -15.26 9.19 6.82
CA GLU A 206 -14.75 9.51 8.15
C GLU A 206 -13.22 9.59 8.15
N LEU A 207 -12.68 10.73 8.57
CA LEU A 207 -11.23 10.86 8.75
C LEU A 207 -10.76 9.98 9.92
N ASN A 208 -9.62 9.32 9.74
CA ASN A 208 -8.98 8.50 10.76
C ASN A 208 -7.70 9.21 11.21
N PHE A 209 -7.72 9.73 12.43
CA PHE A 209 -6.55 10.39 12.99
C PHE A 209 -5.58 9.47 13.74
N SER A 210 -5.97 8.20 13.92
CA SER A 210 -5.04 7.16 14.37
C SER A 210 -4.19 6.71 13.19
N LYS A 211 -3.48 7.68 12.63
CA LYS A 211 -2.69 7.49 11.44
C LYS A 211 -1.58 8.51 11.51
N THR A 212 -0.67 8.46 10.56
CA THR A 212 0.45 9.41 10.53
C THR A 212 0.02 10.64 9.79
N ALA A 213 0.75 11.71 10.07
CA ALA A 213 0.48 12.98 9.45
C ALA A 213 0.42 12.82 7.95
N PHE A 214 1.45 12.15 7.42
CA PHE A 214 1.51 11.78 6.00
C PHE A 214 0.24 11.11 5.49
N GLU A 215 -0.23 10.12 6.23
CA GLU A 215 -1.46 9.43 5.87
C GLU A 215 -2.68 10.32 6.00
N ILE A 216 -2.64 11.27 6.93
CA ILE A 216 -3.77 12.13 7.15
C ILE A 216 -3.83 13.13 6.04
N ILE A 217 -2.69 13.76 5.73
CA ILE A 217 -2.62 14.65 4.57
C ILE A 217 -3.08 13.94 3.34
N ASN A 218 -2.70 12.69 3.17
CA ASN A 218 -3.13 11.94 2.00
C ASN A 218 -4.63 11.54 2.01
N GLN A 219 -5.20 11.32 3.18
CA GLN A 219 -6.66 11.20 3.30
C GLN A 219 -7.34 12.51 2.82
N LEU A 220 -6.83 13.66 3.23
CA LEU A 220 -7.38 14.92 2.79
C LEU A 220 -7.30 15.06 1.28
N ARG A 221 -6.09 14.89 0.73
CA ARG A 221 -5.91 14.94 -0.71
C ARG A 221 -6.83 13.96 -1.44
N ALA A 222 -6.89 12.74 -0.95
CA ALA A 222 -7.69 11.68 -1.57
C ALA A 222 -9.16 12.04 -1.65
N PHE A 223 -9.65 12.72 -0.62
CA PHE A 223 -11.09 13.04 -0.53
C PHE A 223 -11.43 14.49 -0.91
N THR A 224 -10.49 15.23 -1.48
CA THR A 224 -10.73 16.58 -1.92
C THR A 224 -11.12 16.59 -3.40
N PHE A 225 -12.43 16.60 -3.63
CA PHE A 225 -13.01 16.61 -4.98
C PHE A 225 -14.38 17.30 -4.88
N ARG A 226 -14.35 18.62 -4.98
CA ARG A 226 -15.39 19.56 -4.46
C ARG A 226 -16.79 19.32 -4.94
N GLU A 227 -16.92 18.87 -6.19
CA GLU A 227 -18.23 18.68 -6.75
C GLU A 227 -18.87 17.46 -6.11
N TYR A 228 -18.10 16.55 -5.55
CA TYR A 228 -18.66 15.51 -4.67
C TYR A 228 -18.69 15.88 -3.16
N GLN A 229 -17.53 16.08 -2.57
CA GLN A 229 -17.43 16.33 -1.15
C GLN A 229 -16.08 16.96 -0.85
N LEU A 230 -15.99 17.61 0.32
CA LEU A 230 -14.72 17.89 0.97
C LEU A 230 -14.63 17.06 2.25
N PRO A 231 -13.39 16.77 2.71
CA PRO A 231 -13.20 16.23 4.05
C PRO A 231 -13.81 17.16 5.12
N LYS A 232 -14.24 16.57 6.24
CA LYS A 232 -14.93 17.28 7.32
C LYS A 232 -14.33 16.94 8.67
N LEU A 233 -14.16 17.96 9.49
CA LEU A 233 -13.75 17.79 10.89
C LEU A 233 -14.74 18.46 11.83
N ASP A 234 -15.57 17.65 12.49
CA ASP A 234 -16.58 18.14 13.44
C ASP A 234 -17.42 19.27 12.82
N GLY A 235 -18.19 18.90 11.78
CA GLY A 235 -19.02 19.84 11.04
C GLY A 235 -18.34 20.63 9.92
N VAL A 236 -17.08 21.01 10.11
CA VAL A 236 -16.44 22.01 9.28
C VAL A 236 -15.74 21.36 8.09
N ASN A 237 -16.08 21.84 6.89
CA ASN A 237 -15.36 21.46 5.67
C ASN A 237 -13.89 21.91 5.64
N ILE A 238 -13.03 20.99 5.20
CA ILE A 238 -11.59 21.21 5.09
C ILE A 238 -11.12 21.25 3.63
N PHE A 239 -10.20 22.16 3.35
CA PHE A 239 -9.49 22.23 2.10
C PHE A 239 -7.99 22.14 2.32
N LEU A 240 -7.50 20.90 2.35
CA LEU A 240 -6.08 20.58 2.57
C LEU A 240 -5.52 21.01 3.93
N GLY A 241 -4.18 21.09 4.07
CA GLY A 241 -3.54 21.13 5.34
C GLY A 241 -2.04 21.05 5.21
N ASP A 242 -1.35 20.98 6.35
CA ASP A 242 0.10 20.85 6.38
C ASP A 242 0.52 20.06 7.61
N VAL A 243 1.83 19.81 7.72
CA VAL A 243 2.41 19.11 8.85
C VAL A 243 3.39 20.02 9.63
N LEU A 244 3.24 20.01 10.94
CA LEU A 244 4.12 20.76 11.85
C LEU A 244 5.28 19.86 12.33
N SER A 245 6.33 20.48 12.85
CA SER A 245 7.46 19.72 13.40
C SER A 245 7.24 19.26 14.84
N SER A 246 6.10 19.58 15.44
CA SER A 246 5.83 19.27 16.85
C SER A 246 5.07 17.98 16.91
N ARG A 247 5.18 17.27 18.04
CA ARG A 247 4.40 16.04 18.28
C ARG A 247 3.64 16.07 19.61
N SER A 248 2.34 16.23 19.52
CA SER A 248 1.49 16.28 20.71
C SER A 248 1.44 14.94 21.44
N ILE A 249 1.57 15.01 22.76
CA ILE A 249 1.36 13.88 23.65
C ILE A 249 -0.11 13.54 23.73
N MET A 250 -0.99 14.44 23.31
CA MET A 250 -2.43 14.19 23.41
C MET A 250 -2.87 13.02 22.53
N LYS A 251 -3.97 12.39 22.90
CA LYS A 251 -4.46 11.27 22.11
C LYS A 251 -4.66 11.70 20.63
N PRO A 252 -4.29 10.85 19.65
CA PRO A 252 -4.56 11.15 18.23
C PRO A 252 -6.04 11.47 17.98
N GLY A 253 -6.31 12.49 17.17
CA GLY A 253 -7.65 13.05 17.03
C GLY A 253 -7.86 14.32 17.86
N SER A 254 -7.06 14.50 18.93
CA SER A 254 -7.29 15.60 19.86
C SER A 254 -7.10 16.89 19.13
N ILE A 255 -8.04 17.81 19.33
CA ILE A 255 -7.92 19.15 18.79
C ILE A 255 -7.06 19.98 19.72
N LEU A 256 -5.89 20.35 19.23
CA LEU A 256 -4.96 21.22 19.96
C LEU A 256 -5.38 22.68 19.96
N GLU A 257 -5.65 23.22 18.77
CA GLU A 257 -6.10 24.60 18.60
C GLU A 257 -7.23 24.72 17.56
N ARG A 258 -8.00 25.80 17.68
CA ARG A 258 -9.03 26.22 16.72
C ARG A 258 -8.86 27.71 16.52
N ASN A 259 -8.78 28.14 15.27
CA ASN A 259 -9.14 29.52 14.93
C ASN A 259 -10.05 29.51 13.70
N ASP A 260 -10.42 30.69 13.22
CA ASP A 260 -11.34 30.77 12.09
C ASP A 260 -10.81 30.20 10.77
N LYS A 261 -9.48 30.08 10.63
CA LYS A 261 -8.84 29.62 9.39
C LYS A 261 -8.31 28.18 9.43
N GLU A 262 -7.98 27.67 10.62
CA GLU A 262 -7.31 26.40 10.69
C GLU A 262 -7.59 25.67 11.98
N ILE A 263 -7.56 24.34 11.89
CA ILE A 263 -7.65 23.49 13.06
C ILE A 263 -6.40 22.60 13.13
N ILE A 264 -5.69 22.68 14.25
CA ILE A 264 -4.49 21.85 14.52
C ILE A 264 -4.87 20.60 15.32
N VAL A 265 -4.32 19.46 14.93
CA VAL A 265 -4.72 18.19 15.54
C VAL A 265 -3.49 17.31 15.79
N SER A 266 -3.58 16.47 16.85
CA SER A 266 -2.57 15.46 17.20
C SER A 266 -2.78 14.24 16.33
N THR A 267 -1.68 13.63 15.90
CA THR A 267 -1.69 12.38 15.14
C THR A 267 -0.88 11.29 15.82
N ILE A 268 -0.57 10.22 15.10
CA ILE A 268 0.37 9.16 15.58
C ILE A 268 1.83 9.66 15.59
N ASP A 269 2.15 10.71 14.81
CA ASP A 269 3.51 11.27 14.85
C ASP A 269 3.43 12.77 14.98
N TYR A 270 3.45 13.49 13.85
CA TYR A 270 3.52 14.92 13.87
C TYR A 270 2.12 15.53 13.82
N ASP A 271 2.00 16.70 14.45
CA ASP A 271 0.77 17.48 14.46
C ASP A 271 0.45 17.91 13.02
N VAL A 272 -0.84 17.94 12.65
CA VAL A 272 -1.30 18.44 11.35
C VAL A 272 -2.21 19.64 11.48
N VAL A 273 -1.99 20.63 10.61
CA VAL A 273 -2.87 21.82 10.49
C VAL A 273 -3.86 21.46 9.41
N LEU A 274 -5.14 21.60 9.68
CA LEU A 274 -6.20 21.43 8.68
C LEU A 274 -6.80 22.79 8.41
N TYR A 275 -6.74 23.21 7.17
CA TYR A 275 -7.23 24.52 6.77
C TYR A 275 -8.71 24.44 6.48
N LYS A 276 -9.48 25.31 7.13
CA LYS A 276 -10.90 25.39 6.87
C LYS A 276 -11.15 25.88 5.43
N ASP A 277 -12.10 25.23 4.75
CA ASP A 277 -12.54 25.69 3.42
C ASP A 277 -13.16 27.11 3.40
N ASN A 278 -12.42 28.08 2.89
CA ASN A 278 -12.90 29.47 2.72
C ASN A 278 -13.11 29.86 1.22
N PHE A 279 -13.54 28.89 0.40
CA PHE A 279 -13.62 29.12 -1.02
C PHE A 279 -14.70 30.14 -1.42
N LYS A 280 -15.97 29.95 -1.04
CA LYS A 280 -17.01 30.97 -1.35
C LYS A 280 -16.56 32.39 -1.00
N GLU A 281 -15.90 32.48 0.14
CA GLU A 281 -15.50 33.72 0.72
C GLU A 281 -14.39 34.32 -0.12
N ILE A 282 -13.45 33.49 -0.53
CA ILE A 282 -12.42 33.95 -1.46
C ILE A 282 -13.02 34.43 -2.79
N LEU A 283 -14.13 33.83 -3.20
CA LEU A 283 -14.76 34.20 -4.47
C LEU A 283 -15.48 35.53 -4.38
N GLU A 284 -16.22 35.78 -3.29
CA GLU A 284 -16.83 37.10 -3.05
C GLU A 284 -15.79 38.22 -3.06
N ALA A 285 -14.63 37.91 -2.50
CA ALA A 285 -13.55 38.87 -2.37
C ALA A 285 -12.90 39.15 -3.69
N CYS A 286 -12.92 38.19 -4.58
CA CYS A 286 -12.28 38.37 -5.88
C CYS A 286 -12.94 39.45 -6.79
N LYS A 287 -14.17 39.85 -6.48
CA LYS A 287 -14.85 40.94 -7.20
C LYS A 287 -14.02 42.23 -7.21
N TYR A 288 -13.66 42.74 -6.02
CA TYR A 288 -12.99 44.06 -5.90
C TYR A 288 -11.70 44.13 -5.03
N SER A 289 -11.46 43.20 -4.11
CA SER A 289 -10.23 43.23 -3.28
C SER A 289 -8.96 43.04 -4.10
N ASP A 290 -7.81 43.31 -3.49
CA ASP A 290 -6.53 43.29 -4.19
C ASP A 290 -5.63 42.12 -3.78
N SER A 291 -4.44 42.03 -4.39
CA SER A 291 -3.42 41.01 -4.09
C SER A 291 -3.33 40.75 -2.59
N LYS A 292 -2.80 41.76 -1.89
CA LYS A 292 -2.55 41.75 -0.45
C LYS A 292 -3.66 41.03 0.30
N TYR A 293 -4.90 41.49 0.14
CA TYR A 293 -6.00 40.95 0.92
C TYR A 293 -6.30 39.46 0.60
N ILE A 294 -6.25 39.11 -0.67
CA ILE A 294 -6.57 37.75 -1.09
C ILE A 294 -5.47 36.82 -0.58
N ALA A 295 -4.22 37.16 -0.88
CA ALA A 295 -3.07 36.39 -0.40
C ALA A 295 -3.11 36.12 1.10
N LYS A 296 -3.65 37.07 1.88
CA LYS A 296 -3.86 36.89 3.32
C LYS A 296 -4.98 35.91 3.65
N LEU A 297 -5.87 35.67 2.73
CA LEU A 297 -6.97 34.74 2.93
C LEU A 297 -6.58 33.27 2.60
N ILE A 298 -5.52 33.10 1.83
CA ILE A 298 -5.18 31.80 1.25
C ILE A 298 -4.27 30.96 2.17
N ARG A 299 -4.63 29.70 2.37
CA ARG A 299 -3.77 28.77 3.07
C ARG A 299 -3.11 27.84 2.03
N ALA A 300 -3.91 27.02 1.37
CA ALA A 300 -3.40 26.14 0.32
C ALA A 300 -3.54 26.96 -0.96
N LYS A 301 -2.39 27.18 -1.60
CA LYS A 301 -2.30 27.84 -2.88
C LYS A 301 -3.33 27.33 -3.91
N SER A 302 -3.54 26.00 -3.97
CA SER A 302 -4.43 25.42 -5.02
C SER A 302 -5.89 25.82 -4.93
N ILE A 303 -6.31 26.36 -3.80
CA ILE A 303 -7.69 26.88 -3.67
C ILE A 303 -8.04 28.06 -4.62
N LEU A 304 -7.02 28.66 -5.23
CA LEU A 304 -7.17 29.71 -6.26
C LEU A 304 -7.64 29.17 -7.61
N PHE A 305 -7.58 27.85 -7.77
CA PHE A 305 -7.92 27.21 -9.02
C PHE A 305 -9.22 26.42 -8.90
N GLU A 306 -9.91 26.55 -7.78
CA GLU A 306 -11.15 25.83 -7.59
C GLU A 306 -12.27 26.57 -8.25
N LYS A 307 -13.42 25.89 -8.36
CA LYS A 307 -14.57 26.38 -9.10
C LYS A 307 -15.88 26.10 -8.38
N ASN A 308 -16.87 26.98 -8.57
CA ASN A 308 -18.22 26.76 -8.00
C ASN A 308 -19.05 25.96 -9.00
N ILE A 309 -20.33 25.78 -8.74
CA ILE A 309 -21.18 24.95 -9.64
C ILE A 309 -21.32 25.50 -11.06
N TYR A 310 -21.19 26.82 -11.24
CA TYR A 310 -21.24 27.42 -12.57
C TYR A 310 -19.95 27.28 -13.37
N GLY A 311 -18.84 27.03 -12.68
CA GLY A 311 -17.53 26.98 -13.33
C GLY A 311 -16.66 28.17 -13.06
N TRP A 312 -17.11 29.02 -12.13
CA TRP A 312 -16.44 30.27 -11.85
C TRP A 312 -15.27 30.02 -10.92
N SER A 313 -14.09 30.37 -11.42
CA SER A 313 -12.85 30.45 -10.70
C SER A 313 -12.59 31.90 -10.33
N PRO A 314 -11.62 32.14 -9.44
CA PRO A 314 -11.15 33.49 -9.09
C PRO A 314 -10.76 34.38 -10.28
N VAL A 315 -9.93 33.90 -11.23
CA VAL A 315 -9.65 34.71 -12.46
C VAL A 315 -10.89 35.15 -13.19
N ILE A 316 -11.87 34.28 -13.24
CA ILE A 316 -13.10 34.49 -13.97
C ILE A 316 -13.91 35.57 -13.26
N VAL A 317 -14.20 35.37 -11.97
CA VAL A 317 -14.96 36.37 -11.25
C VAL A 317 -14.23 37.73 -11.28
N ALA A 318 -12.90 37.71 -11.15
CA ALA A 318 -12.09 38.93 -11.17
C ALA A 318 -12.25 39.63 -12.50
N ALA A 319 -12.02 38.88 -13.58
CA ALA A 319 -12.14 39.37 -14.96
C ALA A 319 -13.51 39.94 -15.27
N TYR A 320 -14.55 39.34 -14.69
CA TYR A 320 -15.90 39.83 -14.87
C TYR A 320 -16.19 41.12 -14.15
N HIS A 321 -15.37 41.44 -13.15
CA HIS A 321 -15.61 42.62 -12.33
C HIS A 321 -14.58 43.73 -12.53
N GLY A 322 -13.59 43.50 -13.39
CA GLY A 322 -12.66 44.53 -13.80
C GLY A 322 -11.28 44.36 -13.20
N ASN A 323 -11.28 44.14 -11.90
CA ASN A 323 -10.09 43.74 -11.13
C ASN A 323 -8.81 43.32 -11.87
N ILE A 324 -8.14 44.28 -12.49
CA ILE A 324 -6.96 43.98 -13.31
C ILE A 324 -5.74 43.56 -12.47
N GLU A 325 -5.44 44.30 -11.40
CA GLU A 325 -4.25 43.97 -10.55
C GLU A 325 -4.34 42.55 -9.93
N LEU A 326 -5.56 42.09 -9.59
CA LEU A 326 -5.74 40.72 -9.08
C LEU A 326 -5.33 39.69 -10.13
N ILE A 327 -5.97 39.76 -11.30
CA ILE A 327 -5.71 38.84 -12.42
C ILE A 327 -4.22 38.68 -12.69
N LYS A 328 -3.46 39.77 -12.62
CA LYS A 328 -2.00 39.68 -12.79
C LYS A 328 -1.36 38.80 -11.73
N TRP A 329 -1.85 38.93 -10.50
CA TRP A 329 -1.33 38.16 -9.36
C TRP A 329 -1.82 36.71 -9.44
N LEU A 330 -3.12 36.52 -9.61
CA LEU A 330 -3.64 35.19 -9.87
C LEU A 330 -2.81 34.45 -10.92
N VAL A 331 -2.47 35.12 -12.03
CA VAL A 331 -1.69 34.47 -13.12
C VAL A 331 -0.27 34.18 -12.72
N SER A 332 0.32 35.09 -11.92
CA SER A 332 1.65 34.84 -11.32
C SER A 332 1.61 33.65 -10.36
N LYS A 333 0.48 33.42 -9.71
CA LYS A 333 0.31 32.23 -8.87
C LYS A 333 0.09 30.93 -9.67
N GLY A 334 0.05 31.02 -11.01
CA GLY A 334 -0.10 29.87 -11.88
C GLY A 334 -1.50 29.71 -12.45
N ALA A 335 -2.42 30.64 -12.16
CA ALA A 335 -3.79 30.54 -12.68
C ALA A 335 -3.81 30.77 -14.15
N ASN A 336 -4.86 30.27 -14.79
CA ASN A 336 -4.97 30.25 -16.26
C ASN A 336 -5.66 31.50 -16.82
N ILE A 337 -4.91 32.24 -17.62
CA ILE A 337 -5.42 33.50 -18.16
C ILE A 337 -6.64 33.28 -19.10
N ASN A 338 -6.64 32.13 -19.78
CA ASN A 338 -7.76 31.63 -20.57
C ASN A 338 -8.61 30.53 -19.91
N ASP A 339 -8.87 30.71 -18.62
CA ASP A 339 -9.63 29.71 -17.87
C ASP A 339 -11.06 29.80 -18.38
N ARG A 340 -11.81 28.70 -18.28
CA ARG A 340 -13.18 28.61 -18.77
C ARG A 340 -14.16 28.09 -17.72
N ASN A 341 -15.43 28.51 -17.84
CA ASN A 341 -16.50 27.94 -17.03
C ASN A 341 -17.01 26.63 -17.68
N TYR A 342 -18.14 26.11 -17.23
CA TYR A 342 -18.60 24.80 -17.71
C TYR A 342 -19.48 24.86 -18.98
N LYS A 343 -19.61 26.05 -19.58
CA LYS A 343 -20.20 26.22 -20.90
C LYS A 343 -19.15 26.59 -21.98
N GLY A 344 -17.86 26.45 -21.63
CA GLY A 344 -16.76 26.87 -22.48
C GLY A 344 -16.40 28.37 -22.47
N THR A 345 -17.17 29.18 -21.72
CA THR A 345 -16.99 30.64 -21.65
C THR A 345 -15.62 31.03 -21.07
N THR A 346 -14.87 31.88 -21.80
CA THR A 346 -13.49 32.21 -21.47
C THR A 346 -13.35 33.47 -20.64
N VAL A 347 -12.20 33.62 -20.01
CA VAL A 347 -11.87 34.86 -19.28
C VAL A 347 -12.13 36.05 -20.22
N ALA A 348 -11.53 36.01 -21.41
CA ALA A 348 -11.73 37.08 -22.37
C ALA A 348 -13.20 37.49 -22.48
N MET A 349 -14.12 36.55 -22.41
CA MET A 349 -15.54 36.85 -22.61
C MET A 349 -16.17 37.48 -21.40
N TYR A 350 -15.64 37.12 -20.24
CA TYR A 350 -16.03 37.75 -18.99
C TYR A 350 -15.52 39.20 -18.95
N PHE A 351 -14.25 39.42 -19.27
CA PHE A 351 -13.69 40.77 -19.32
C PHE A 351 -14.44 41.70 -20.30
N LYS A 352 -15.02 41.12 -21.38
CA LYS A 352 -15.98 41.80 -22.29
C LYS A 352 -17.17 42.47 -21.62
N ASP A 353 -17.94 41.73 -20.85
CA ASP A 353 -19.11 42.29 -20.14
C ASP A 353 -18.75 43.47 -19.23
N TYR A 354 -17.52 43.50 -18.73
CA TYR A 354 -17.04 44.61 -17.90
C TYR A 354 -16.69 45.82 -18.78
N MET A 355 -15.68 45.65 -19.64
CA MET A 355 -15.32 46.59 -20.73
C MET A 355 -16.52 47.32 -21.30
N LEU A 356 -17.56 46.53 -21.59
CA LEU A 356 -18.88 47.00 -22.01
C LEU A 356 -19.47 47.87 -20.91
N LYS A 357 -19.74 47.29 -19.74
CA LYS A 357 -20.47 47.99 -18.66
C LYS A 357 -19.69 49.16 -17.99
N SER A 358 -18.37 49.19 -18.13
CA SER A 358 -17.50 50.23 -17.55
C SER A 358 -17.19 51.39 -18.51
N GLY A 359 -16.61 51.05 -19.65
CA GLY A 359 -16.09 52.02 -20.62
C GLY A 359 -14.57 51.99 -20.70
N ASP A 360 -13.93 51.27 -19.79
CA ASP A 360 -12.46 51.29 -19.69
C ASP A 360 -11.87 50.06 -20.39
N TYR A 361 -11.26 50.29 -21.54
CA TYR A 361 -10.56 49.26 -22.31
C TYR A 361 -9.03 49.29 -22.11
N SER A 362 -8.51 50.04 -21.13
CA SER A 362 -7.04 50.15 -20.94
C SER A 362 -6.42 48.84 -20.43
N GLY A 363 -7.25 48.00 -19.82
CA GLY A 363 -6.82 46.69 -19.36
C GLY A 363 -6.40 45.70 -20.43
N LEU A 364 -7.13 45.65 -21.54
CA LEU A 364 -7.06 44.55 -22.47
C LEU A 364 -5.68 44.16 -22.92
N LYS A 365 -4.83 45.16 -23.16
CA LYS A 365 -3.42 44.91 -23.51
C LYS A 365 -2.62 44.28 -22.36
N MET A 366 -3.05 44.53 -21.12
CA MET A 366 -2.40 43.96 -19.95
C MET A 366 -2.61 42.46 -20.03
N LEU A 367 -3.84 42.05 -20.27
CA LEU A 367 -4.19 40.63 -20.28
C LEU A 367 -3.59 39.95 -21.51
N ILE A 368 -3.51 40.67 -22.62
CA ILE A 368 -2.85 40.16 -23.81
C ILE A 368 -1.37 39.84 -23.56
N ASP A 369 -0.63 40.75 -22.92
CA ASP A 369 0.78 40.50 -22.52
C ASP A 369 0.86 39.20 -21.72
N LEU A 370 -0.09 39.00 -20.80
CA LEU A 370 -0.23 37.78 -19.98
C LEU A 370 -0.67 36.51 -20.73
N GLY A 371 -0.98 36.62 -22.02
CA GLY A 371 -1.28 35.45 -22.85
C GLY A 371 -2.75 35.22 -23.13
N LEU A 372 -3.59 36.22 -22.86
CA LEU A 372 -5.00 36.12 -23.18
C LEU A 372 -5.18 35.86 -24.68
N ASP A 373 -6.13 34.96 -24.99
CA ASP A 373 -6.40 34.49 -26.34
C ASP A 373 -7.85 34.72 -26.75
N LEU A 374 -8.00 35.57 -27.76
CA LEU A 374 -9.28 36.08 -28.24
C LEU A 374 -9.94 35.16 -29.29
N THR A 375 -9.09 34.38 -29.97
CA THR A 375 -9.49 33.37 -30.99
C THR A 375 -10.30 32.20 -30.43
N LEU A 376 -10.25 31.99 -29.12
CA LEU A 376 -10.96 30.89 -28.46
C LEU A 376 -12.46 30.99 -28.58
N THR A 377 -13.06 29.84 -28.89
CA THR A 377 -14.53 29.67 -28.91
C THR A 377 -15.02 28.89 -27.68
N ASP A 378 -16.26 29.15 -27.28
CA ASP A 378 -16.98 28.38 -26.28
C ASP A 378 -17.62 27.12 -26.88
N TYR A 379 -18.59 26.52 -26.16
CA TYR A 379 -19.13 25.22 -26.54
C TYR A 379 -20.22 25.33 -27.58
N LYS A 380 -20.69 26.56 -27.87
CA LYS A 380 -21.55 26.81 -29.03
C LYS A 380 -20.77 27.44 -30.21
N ASP A 381 -19.45 27.27 -30.22
CA ASP A 381 -18.56 27.72 -31.29
C ASP A 381 -18.45 29.25 -31.48
N TYR A 382 -18.79 30.01 -30.45
CA TYR A 382 -18.85 31.46 -30.56
C TYR A 382 -17.64 32.08 -29.88
N THR A 383 -16.87 32.88 -30.64
CA THR A 383 -15.82 33.76 -30.09
C THR A 383 -16.40 34.98 -29.36
N VAL A 384 -15.53 35.69 -28.63
CA VAL A 384 -15.88 37.01 -28.11
C VAL A 384 -16.32 37.99 -29.24
N PHE A 385 -15.64 37.92 -30.38
CA PHE A 385 -16.00 38.70 -31.56
C PHE A 385 -17.41 38.40 -32.04
N ASP A 386 -17.82 37.13 -32.04
CA ASP A 386 -19.20 36.75 -32.42
C ASP A 386 -20.25 37.33 -31.51
N TYR A 387 -19.98 37.38 -30.22
CA TYR A 387 -20.97 37.91 -29.25
C TYR A 387 -21.11 39.43 -29.32
N LEU A 388 -20.02 40.10 -29.71
CA LEU A 388 -20.01 41.54 -29.87
C LEU A 388 -20.76 41.93 -31.15
N GLU A 389 -20.42 41.28 -32.26
CA GLU A 389 -21.19 41.40 -33.52
C GLU A 389 -22.68 41.23 -33.24
N LYS A 390 -23.03 40.15 -32.53
CA LYS A 390 -24.44 39.85 -32.24
C LYS A 390 -25.08 40.95 -31.44
N SER A 391 -24.33 41.57 -30.55
CA SER A 391 -24.90 42.56 -29.63
C SER A 391 -25.03 43.96 -30.25
N GLY A 392 -24.20 44.27 -31.23
CA GLY A 392 -24.20 45.58 -31.93
C GLY A 392 -23.11 46.54 -31.45
N ASN A 393 -22.11 46.00 -30.77
CA ASN A 393 -21.09 46.77 -30.10
C ASN A 393 -19.84 46.79 -30.98
N LYS A 394 -20.00 47.54 -32.08
CA LYS A 394 -19.01 47.61 -33.16
C LYS A 394 -17.81 48.43 -32.65
N ASN A 395 -18.09 49.38 -31.76
CA ASN A 395 -17.06 50.12 -30.99
C ASN A 395 -16.07 49.12 -30.39
N LEU A 396 -16.59 48.37 -29.42
CA LEU A 396 -15.81 47.42 -28.69
C LEU A 396 -15.21 46.40 -29.65
N LEU A 397 -16.04 45.92 -30.59
CA LEU A 397 -15.60 44.96 -31.62
C LEU A 397 -14.34 45.42 -32.37
N GLN A 398 -14.37 46.65 -32.86
CA GLN A 398 -13.33 47.15 -33.75
C GLN A 398 -12.04 47.35 -32.98
N TYR A 399 -12.16 47.86 -31.76
CA TYR A 399 -11.04 47.98 -30.84
C TYR A 399 -10.33 46.63 -30.70
N MET A 400 -11.11 45.58 -30.42
CA MET A 400 -10.55 44.26 -30.14
C MET A 400 -9.92 43.67 -31.39
N MET A 401 -10.56 43.90 -32.54
CA MET A 401 -10.03 43.39 -33.81
C MET A 401 -8.60 43.89 -34.10
N ALA A 402 -8.28 45.09 -33.59
CA ALA A 402 -6.93 45.70 -33.69
C ALA A 402 -5.78 44.83 -33.15
N PHE A 403 -6.10 44.01 -32.14
CA PHE A 403 -5.12 43.08 -31.57
C PHE A 403 -4.85 41.86 -32.46
N MET A 404 -5.49 41.72 -33.63
CA MET A 404 -5.32 40.55 -34.51
C MET A 404 -4.50 40.88 -35.77
N MET B 8 28.92 -0.21 34.49
CA MET B 8 27.66 0.20 33.78
C MET B 8 26.44 -0.65 34.13
N LYS B 9 25.26 -0.17 33.74
CA LYS B 9 24.00 -0.86 34.02
C LYS B 9 23.08 -0.82 32.79
N ILE B 10 22.21 -1.81 32.68
CA ILE B 10 21.31 -1.91 31.54
C ILE B 10 20.03 -2.65 31.89
N ILE B 11 18.93 -2.11 31.38
CA ILE B 11 17.60 -2.70 31.59
C ILE B 11 17.08 -3.23 30.25
N ILE B 12 16.85 -4.53 30.18
CA ILE B 12 16.32 -5.16 28.97
C ILE B 12 14.88 -5.50 29.21
N ALA B 13 13.99 -4.96 28.39
CA ALA B 13 12.55 -5.12 28.58
C ALA B 13 11.96 -5.73 27.33
N GLY B 14 11.45 -6.94 27.45
CA GLY B 14 10.90 -7.60 26.31
C GLY B 14 10.83 -9.09 26.44
N LYS B 15 10.80 -9.73 25.28
CA LYS B 15 10.53 -11.15 25.17
C LYS B 15 11.27 -11.79 24.01
N ASN B 16 11.14 -13.12 23.96
CA ASN B 16 11.52 -13.96 22.81
C ASN B 16 13.04 -13.95 22.58
N ASP B 17 13.49 -14.53 21.48
CA ASP B 17 14.89 -14.83 21.29
C ASP B 17 15.77 -13.59 21.19
N ILE B 18 15.20 -12.50 20.71
CA ILE B 18 15.86 -11.23 20.67
C ILE B 18 16.27 -10.76 22.08
N ALA B 19 15.34 -10.80 23.03
CA ALA B 19 15.70 -10.43 24.41
C ALA B 19 16.74 -11.43 24.97
N VAL B 20 16.47 -12.71 24.82
CA VAL B 20 17.35 -13.72 25.33
C VAL B 20 18.75 -13.55 24.72
N ASN B 21 18.83 -13.52 23.40
CA ASN B 21 20.14 -13.52 22.71
C ASN B 21 20.95 -12.23 22.81
N VAL B 22 20.27 -11.08 22.89
CA VAL B 22 20.93 -9.85 23.26
C VAL B 22 21.55 -9.99 24.66
N THR B 23 20.75 -10.45 25.63
CA THR B 23 21.22 -10.73 26.99
C THR B 23 22.39 -11.71 27.03
N ARG B 24 22.35 -12.79 26.25
CA ARG B 24 23.48 -13.72 26.21
C ARG B 24 24.73 -13.07 25.74
N TRP B 25 24.62 -12.24 24.73
CA TRP B 25 25.77 -11.55 24.20
C TRP B 25 26.39 -10.66 25.28
N LEU B 26 25.55 -9.99 26.07
CA LEU B 26 26.03 -9.11 27.11
C LEU B 26 26.73 -9.92 28.18
N GLN B 27 26.18 -11.09 28.53
CA GLN B 27 26.79 -11.92 29.54
C GLN B 27 28.19 -12.42 29.17
N LYS B 28 28.38 -12.71 27.89
CA LYS B 28 29.62 -13.17 27.35
C LYS B 28 30.61 -12.01 27.19
N LYS B 29 30.22 -10.98 26.46
CA LYS B 29 31.13 -9.93 26.01
C LYS B 29 31.17 -8.65 26.83
N LYS B 30 30.28 -8.52 27.79
CA LYS B 30 30.35 -7.41 28.74
C LYS B 30 30.07 -7.89 30.16
N LYS B 31 30.80 -8.92 30.58
CA LYS B 31 30.77 -9.50 31.95
C LYS B 31 30.41 -8.55 33.10
N ASN B 32 31.00 -7.35 33.11
CA ASN B 32 30.86 -6.38 34.24
C ASN B 32 29.61 -5.50 34.32
N ILE B 33 28.74 -5.58 33.32
CA ILE B 33 27.57 -4.71 33.27
C ILE B 33 26.53 -5.40 34.11
N GLU B 34 25.78 -4.65 34.88
CA GLU B 34 24.67 -5.23 35.60
C GLU B 34 23.46 -5.15 34.69
N ILE B 35 22.63 -6.19 34.76
CA ILE B 35 21.50 -6.36 33.88
C ILE B 35 20.30 -6.54 34.74
N TYR B 36 19.24 -5.81 34.42
CA TYR B 36 17.93 -5.91 35.04
C TYR B 36 17.05 -6.23 33.89
N ALA B 37 15.93 -6.89 34.16
CA ALA B 37 15.04 -7.33 33.10
C ALA B 37 13.61 -6.97 33.41
N ILE B 38 12.86 -6.57 32.38
CA ILE B 38 11.38 -6.53 32.46
C ILE B 38 10.76 -7.56 31.51
N CYS B 39 9.77 -8.33 31.97
CA CYS B 39 9.15 -9.35 31.11
C CYS B 39 7.81 -8.85 30.60
N ASN B 40 7.35 -9.43 29.49
CA ASN B 40 6.01 -9.13 28.95
C ASN B 40 5.02 -9.90 29.75
N ALA B 41 3.79 -9.44 29.71
CA ALA B 41 2.70 -9.98 30.57
C ALA B 41 2.27 -11.38 30.17
N ASN B 42 2.49 -11.76 28.94
CA ASN B 42 2.17 -13.10 28.51
C ASN B 42 3.39 -13.99 28.43
N ASP B 43 4.51 -13.60 29.06
CA ASP B 43 5.64 -14.51 29.18
C ASP B 43 5.32 -15.48 30.27
N THR B 44 5.21 -16.76 29.89
CA THR B 44 4.71 -17.80 30.76
C THR B 44 5.81 -18.40 31.64
N GLY B 45 7.07 -18.11 31.33
CA GLY B 45 8.19 -18.79 31.98
C GLY B 45 8.56 -20.13 31.35
N ILE B 46 7.76 -20.64 30.41
CA ILE B 46 8.02 -21.90 29.71
C ILE B 46 8.49 -21.52 28.29
N ASP B 47 9.57 -22.13 27.84
CA ASP B 47 10.07 -21.93 26.46
C ASP B 47 9.07 -22.54 25.47
N THR B 48 8.70 -21.80 24.42
CA THR B 48 7.83 -22.29 23.36
C THR B 48 8.63 -22.17 22.01
N PHE B 49 7.97 -21.90 20.88
CA PHE B 49 8.69 -21.62 19.63
C PHE B 49 9.67 -20.47 19.73
N GLN B 50 9.37 -19.54 20.62
CA GLN B 50 10.34 -18.57 21.10
C GLN B 50 10.67 -18.92 22.55
N ARG B 51 11.93 -18.67 22.94
CA ARG B 51 12.35 -18.86 24.31
C ARG B 51 11.61 -17.91 25.24
N SER B 52 11.42 -18.33 26.48
CA SER B 52 10.93 -17.43 27.50
C SER B 52 12.12 -16.68 28.06
N PHE B 53 12.02 -15.35 27.98
CA PHE B 53 13.00 -14.43 28.55
C PHE B 53 12.99 -14.52 30.08
N LYS B 54 11.79 -14.50 30.63
CA LYS B 54 11.54 -14.80 32.03
C LYS B 54 12.36 -16.00 32.56
N LYS B 55 12.16 -17.17 31.96
CA LYS B 55 12.94 -18.36 32.28
C LYS B 55 14.45 -18.17 32.21
N TYR B 56 14.93 -17.60 31.10
CA TYR B 56 16.35 -17.30 30.94
C TYR B 56 16.85 -16.49 32.12
N CYS B 57 16.13 -15.44 32.48
CA CYS B 57 16.52 -14.56 33.58
C CYS B 57 16.55 -15.28 34.95
N LYS B 58 15.50 -16.04 35.23
CA LYS B 58 15.47 -16.81 36.47
C LYS B 58 16.59 -17.82 36.45
N ASP B 59 16.75 -18.55 35.35
CA ASP B 59 17.84 -19.52 35.26
C ASP B 59 19.25 -18.94 35.41
N ASN B 60 19.44 -17.67 35.09
CA ASN B 60 20.75 -17.04 35.13
C ASN B 60 20.84 -15.95 36.18
N LEU B 61 19.91 -15.95 37.14
CA LEU B 61 19.93 -15.00 38.25
C LEU B 61 20.00 -13.53 37.80
N ILE B 62 19.29 -13.19 36.73
CA ILE B 62 19.11 -11.79 36.33
C ILE B 62 17.83 -11.29 36.97
N PRO B 63 17.91 -10.19 37.74
CA PRO B 63 16.70 -9.78 38.47
C PRO B 63 15.66 -9.22 37.52
N ILE B 64 14.42 -9.59 37.78
CA ILE B 64 13.26 -9.16 37.03
C ILE B 64 12.57 -8.09 37.84
N ILE B 65 12.37 -6.94 37.22
CA ILE B 65 11.78 -5.79 37.87
C ILE B 65 10.55 -5.32 37.06
N SER B 66 9.86 -4.30 37.61
CA SER B 66 8.73 -3.65 36.93
C SER B 66 9.20 -2.43 36.23
N LEU B 67 8.37 -1.96 35.31
CA LEU B 67 8.61 -0.67 34.69
C LEU B 67 8.70 0.48 35.74
N ALA B 68 7.83 0.47 36.75
CA ALA B 68 7.90 1.51 37.82
C ALA B 68 9.24 1.51 38.53
N GLU B 69 9.70 0.32 38.88
CA GLU B 69 11.03 0.19 39.42
C GLU B 69 12.07 0.64 38.44
N ALA B 70 11.91 0.30 37.16
CA ALA B 70 12.91 0.69 36.17
C ALA B 70 13.12 2.21 36.10
N TYR B 71 12.03 2.98 36.19
CA TYR B 71 12.07 4.46 36.14
C TYR B 71 12.97 5.10 37.21
N LYS B 72 13.09 4.40 38.35
CA LYS B 72 13.82 4.89 39.48
C LYS B 72 15.30 4.51 39.43
N ILE B 73 15.75 3.86 38.37
CA ILE B 73 17.15 3.41 38.28
C ILE B 73 17.94 4.38 37.44
N ASP B 74 18.85 5.08 38.09
CA ASP B 74 19.72 6.00 37.42
C ASP B 74 20.99 5.20 37.15
N ASP B 75 21.81 5.71 36.23
CA ASP B 75 23.09 5.07 35.86
C ASP B 75 22.86 3.94 34.84
N ALA B 76 21.63 3.81 34.33
CA ALA B 76 21.28 2.70 33.41
C ALA B 76 20.70 3.22 32.10
N ILE B 77 21.04 2.59 30.98
CA ILE B 77 20.27 2.74 29.72
C ILE B 77 19.17 1.68 29.64
N PHE B 78 18.10 2.02 28.93
CA PHE B 78 16.90 1.18 28.81
C PHE B 78 16.82 0.72 27.36
N LEU B 79 16.61 -0.58 27.16
CA LEU B 79 16.52 -1.16 25.82
C LEU B 79 15.33 -2.11 25.79
N SER B 80 14.27 -1.70 25.05
CA SER B 80 13.06 -2.51 24.87
C SER B 80 13.15 -3.34 23.57
N LEU B 81 12.80 -4.61 23.71
CA LEU B 81 12.91 -5.57 22.65
C LEU B 81 11.60 -6.37 22.59
N GLU B 82 10.72 -5.95 21.68
CA GLU B 82 9.37 -6.46 21.60
C GLU B 82 8.60 -6.35 22.94
N PHE B 83 8.79 -5.22 23.60
CA PHE B 83 8.24 -4.99 24.92
C PHE B 83 6.79 -4.59 24.77
N ASP B 84 5.95 -5.00 25.71
CA ASP B 84 4.49 -4.77 25.60
C ASP B 84 3.92 -3.57 26.37
N LYS B 85 4.69 -2.90 27.20
CA LYS B 85 4.16 -1.81 28.05
C LYS B 85 4.61 -0.43 27.60
N ILE B 86 3.71 0.53 27.71
CA ILE B 86 3.99 1.91 27.31
C ILE B 86 5.05 2.48 28.25
N VAL B 87 6.10 3.00 27.65
CA VAL B 87 7.18 3.63 28.38
C VAL B 87 6.99 5.12 28.33
N GLN B 88 7.02 5.77 29.50
CA GLN B 88 6.84 7.22 29.62
C GLN B 88 8.20 7.84 29.88
N PRO B 89 8.78 8.53 28.88
CA PRO B 89 10.13 9.06 29.06
C PRO B 89 10.34 10.12 30.16
N SER B 90 9.28 10.86 30.51
CA SER B 90 9.42 11.89 31.55
C SER B 90 9.63 11.30 32.97
N LYS B 91 9.41 10.00 33.15
CA LYS B 91 9.53 9.34 34.47
C LYS B 91 10.91 8.77 34.76
N PHE B 92 11.75 8.70 33.73
CA PHE B 92 13.16 8.46 33.93
C PHE B 92 13.86 9.76 34.29
N ASN B 93 15.02 9.63 34.89
CA ASN B 93 15.85 10.79 35.15
C ASN B 93 16.94 10.93 34.09
N HIS B 94 16.71 10.39 32.91
CA HIS B 94 17.70 10.40 31.86
C HIS B 94 16.93 10.10 30.61
N ASN B 95 17.63 10.18 29.47
CA ASN B 95 17.02 9.99 28.18
C ASN B 95 17.77 8.98 27.30
N GLU B 96 18.29 7.94 27.93
CA GLU B 96 19.02 6.90 27.23
C GLU B 96 18.08 5.73 27.06
N LEU B 97 17.07 5.97 26.22
CA LEU B 97 15.93 5.06 26.04
C LEU B 97 15.89 4.61 24.60
N PHE B 98 16.08 3.31 24.36
CA PHE B 98 16.21 2.76 23.01
C PHE B 98 15.26 1.59 22.78
N ASN B 99 14.84 1.41 21.53
CA ASN B 99 13.91 0.33 21.14
C ASN B 99 14.36 -0.29 19.85
N ILE B 100 14.11 -1.58 19.66
CA ILE B 100 14.11 -2.18 18.35
C ILE B 100 12.65 -2.31 17.91
N HIS B 101 12.32 -1.70 16.77
CA HIS B 101 11.04 -1.89 16.11
C HIS B 101 11.27 -2.71 14.84
N PHE B 102 10.34 -3.64 14.59
CA PHE B 102 10.46 -4.55 13.45
C PHE B 102 9.85 -3.95 12.21
N SER B 103 10.43 -2.84 11.77
CA SER B 103 10.15 -2.26 10.44
C SER B 103 11.27 -1.33 10.08
N TYR B 104 11.32 -1.01 8.78
CA TYR B 104 12.14 0.09 8.32
C TYR B 104 11.33 1.38 8.49
N LEU B 105 11.53 2.04 9.63
CA LEU B 105 10.82 3.27 9.92
C LEU B 105 11.29 4.41 8.98
N PRO B 106 10.39 5.32 8.58
CA PRO B 106 9.12 5.57 9.27
C PRO B 106 7.88 4.82 8.83
N LYS B 107 8.02 3.88 7.87
CA LYS B 107 6.97 2.98 7.49
C LYS B 107 6.75 1.93 8.54
N TYR B 108 5.50 1.45 8.59
CA TYR B 108 5.06 0.31 9.40
C TYR B 108 5.32 0.48 10.87
N LYS B 109 5.07 1.69 11.34
CA LYS B 109 4.91 1.92 12.75
C LYS B 109 3.74 1.13 13.27
N GLY B 110 3.82 0.72 14.52
CA GLY B 110 2.71 0.04 15.15
C GLY B 110 2.73 -1.47 15.02
N MET B 111 1.56 -2.03 14.72
CA MET B 111 1.30 -3.45 14.96
C MET B 111 1.42 -4.35 13.73
N TYR B 112 1.60 -5.64 14.01
CA TYR B 112 1.50 -6.69 13.04
C TYR B 112 2.47 -6.49 11.87
N THR B 113 3.70 -6.09 12.19
CA THR B 113 4.69 -5.78 11.16
C THR B 113 5.18 -6.97 10.31
N SER B 114 4.96 -8.21 10.74
CA SER B 114 5.31 -9.37 9.88
CA SER B 114 5.29 -9.39 9.91
C SER B 114 4.17 -9.71 8.93
N ALA B 115 3.00 -9.10 9.15
CA ALA B 115 1.82 -9.30 8.34
C ALA B 115 1.55 -8.23 7.27
N TRP B 116 1.48 -6.97 7.72
CA TRP B 116 1.11 -5.86 6.86
C TRP B 116 1.95 -5.67 5.62
N PRO B 117 3.28 -5.72 5.73
CA PRO B 117 4.11 -5.56 4.50
C PRO B 117 3.87 -6.64 3.45
N ILE B 118 3.67 -7.86 3.94
CA ILE B 118 3.31 -8.98 3.07
C ILE B 118 1.92 -8.76 2.47
N LEU B 119 0.93 -8.38 3.28
CA LEU B 119 -0.42 -8.04 2.79
C LEU B 119 -0.43 -6.99 1.70
N ASN B 120 0.47 -6.02 1.81
CA ASN B 120 0.57 -4.91 0.88
C ASN B 120 1.47 -5.16 -0.32
N GLY B 121 2.05 -6.35 -0.46
CA GLY B 121 2.83 -6.65 -1.68
C GLY B 121 4.23 -6.08 -1.66
N GLU B 122 4.74 -5.83 -0.47
CA GLU B 122 6.09 -5.32 -0.34
C GLU B 122 7.13 -6.40 -0.68
N ASP B 123 8.25 -5.98 -1.24
CA ASP B 123 9.43 -6.82 -1.48
C ASP B 123 10.43 -6.77 -0.31
N THR B 124 10.28 -5.80 0.59
CA THR B 124 11.25 -5.52 1.65
C THR B 124 10.60 -4.96 2.92
N SER B 125 11.35 -5.10 4.02
CA SER B 125 11.02 -4.51 5.29
C SER B 125 12.33 -4.10 5.98
N GLY B 126 12.34 -4.09 7.30
CA GLY B 126 13.58 -3.82 8.01
C GLY B 126 13.42 -3.91 9.49
N VAL B 127 14.49 -3.56 10.20
CA VAL B 127 14.50 -3.40 11.62
C VAL B 127 15.19 -2.09 11.89
N THR B 128 14.69 -1.40 12.91
CA THR B 128 15.17 -0.08 13.23
C THR B 128 15.48 0.07 14.71
N LEU B 129 16.59 0.76 14.98
CA LEU B 129 17.01 1.09 16.34
C LEU B 129 16.78 2.55 16.49
N HIS B 130 16.03 2.94 17.51
CA HIS B 130 15.62 4.33 17.63
C HIS B 130 15.37 4.66 19.05
N LYS B 131 15.15 5.95 19.33
CA LYS B 131 14.85 6.41 20.68
C LYS B 131 13.40 6.11 21.05
N ILE B 132 13.15 5.81 22.31
CA ILE B 132 11.76 5.73 22.82
C ILE B 132 11.36 7.15 23.11
N ASP B 133 10.28 7.61 22.48
CA ASP B 133 9.73 8.95 22.72
C ASP B 133 8.33 8.74 23.23
N HIS B 134 7.61 9.83 23.44
CA HIS B 134 6.28 9.79 24.02
C HIS B 134 5.33 8.97 23.14
N GLY B 135 5.41 9.14 21.83
CA GLY B 135 4.53 8.43 20.91
C GLY B 135 4.83 6.97 20.64
N ILE B 136 4.06 6.37 19.72
CA ILE B 136 4.24 4.99 19.26
C ILE B 136 5.25 4.96 18.11
N ASP B 137 6.42 4.38 18.34
CA ASP B 137 7.42 4.20 17.28
C ASP B 137 7.76 5.50 16.56
N THR B 138 7.86 6.57 17.34
CA THR B 138 8.06 7.93 16.83
C THR B 138 9.43 8.53 17.05
N GLY B 139 10.26 7.90 17.85
CA GLY B 139 11.51 8.55 18.27
C GLY B 139 12.62 8.47 17.24
N ALA B 140 13.67 9.27 17.45
CA ALA B 140 14.69 9.50 16.46
C ALA B 140 15.49 8.22 16.12
N ILE B 141 15.82 8.06 14.85
CA ILE B 141 16.51 6.86 14.36
C ILE B 141 18.01 6.91 14.70
N ILE B 142 18.56 5.74 15.08
CA ILE B 142 20.01 5.55 15.34
C ILE B 142 20.66 4.68 14.27
N ALA B 143 20.02 3.59 13.88
CA ALA B 143 20.55 2.72 12.83
C ALA B 143 19.42 1.87 12.29
N GLN B 144 19.56 1.42 11.05
CA GLN B 144 18.58 0.50 10.44
C GLN B 144 19.19 -0.41 9.39
N LYS B 145 18.46 -1.48 9.10
CA LYS B 145 18.86 -2.49 8.15
C LYS B 145 17.65 -2.95 7.35
N GLU B 146 17.82 -2.99 6.03
CA GLU B 146 16.84 -3.53 5.12
C GLU B 146 16.80 -5.05 5.24
N ILE B 147 15.61 -5.60 5.09
CA ILE B 147 15.40 -7.04 5.01
C ILE B 147 14.65 -7.28 3.70
N ILE B 148 15.06 -8.34 3.00
CA ILE B 148 14.37 -8.74 1.78
C ILE B 148 13.34 -9.78 2.15
N ILE B 149 12.15 -9.61 1.64
CA ILE B 149 11.09 -10.57 1.85
C ILE B 149 11.03 -11.35 0.55
N GLN B 150 11.42 -12.63 0.63
CA GLN B 150 11.34 -13.50 -0.50
C GLN B 150 9.86 -13.74 -0.82
N PRO B 151 9.51 -14.00 -2.11
CA PRO B 151 8.13 -14.15 -2.58
C PRO B 151 7.29 -15.23 -1.89
N PHE B 152 7.97 -16.25 -1.41
CA PHE B 152 7.36 -17.46 -0.82
C PHE B 152 7.28 -17.43 0.71
N GLU B 153 8.00 -16.51 1.34
CA GLU B 153 8.07 -16.42 2.78
C GLU B 153 6.74 -15.96 3.39
N THR B 154 6.46 -16.57 4.53
CA THR B 154 5.25 -16.34 5.31
C THR B 154 5.50 -15.29 6.36
N ALA B 155 4.45 -14.92 7.08
CA ALA B 155 4.64 -14.03 8.21
C ALA B 155 5.59 -14.59 9.28
N LYS B 156 5.60 -15.90 9.46
CA LYS B 156 6.44 -16.48 10.49
C LYS B 156 7.93 -16.36 10.10
N ASP B 157 8.20 -16.59 8.83
CA ASP B 157 9.53 -16.49 8.26
C ASP B 157 10.05 -15.07 8.44
N LEU B 158 9.18 -14.10 8.22
CA LEU B 158 9.59 -12.70 8.32
C LEU B 158 9.82 -12.30 9.76
N TYR B 159 8.97 -12.81 10.66
CA TYR B 159 9.17 -12.61 12.08
C TYR B 159 10.56 -13.12 12.54
N GLU B 160 10.93 -14.29 12.04
CA GLU B 160 12.19 -14.91 12.33
C GLU B 160 13.36 -14.11 11.84
N LYS B 161 13.24 -13.53 10.62
CA LYS B 161 14.20 -12.56 10.10
C LYS B 161 14.28 -11.29 10.98
N TYR B 162 13.13 -10.76 11.37
CA TYR B 162 13.13 -9.63 12.30
C TYR B 162 13.86 -9.98 13.58
N ILE B 163 13.60 -11.15 14.16
CA ILE B 163 14.23 -11.48 15.44
C ILE B 163 15.74 -11.53 15.24
N SER B 164 16.18 -12.21 14.19
CA SER B 164 17.63 -12.42 13.97
C SER B 164 18.35 -11.10 13.66
N GLU B 165 17.76 -10.30 12.79
CA GLU B 165 18.35 -9.05 12.33
C GLU B 165 18.31 -7.96 13.42
N GLY B 166 17.22 -7.90 14.18
CA GLY B 166 17.10 -7.05 15.33
C GLY B 166 18.16 -7.31 16.38
N THR B 167 18.43 -8.58 16.61
CA THR B 167 19.50 -9.03 17.47
C THR B 167 20.89 -8.49 17.00
N SER B 168 21.27 -8.71 15.76
CA SER B 168 22.55 -8.21 15.27
C SER B 168 22.61 -6.70 15.17
N LEU B 169 21.48 -6.05 14.91
CA LEU B 169 21.48 -4.59 14.91
C LEU B 169 21.83 -4.03 16.30
N VAL B 170 21.24 -4.61 17.35
CA VAL B 170 21.61 -4.28 18.71
C VAL B 170 23.10 -4.53 18.92
N ILE B 171 23.57 -5.74 18.58
CA ILE B 171 24.94 -6.14 18.88
C ILE B 171 25.91 -5.19 18.22
N ASP B 172 25.59 -4.78 17.02
CA ASP B 172 26.46 -3.91 16.27
C ASP B 172 26.47 -2.48 16.79
N ASN B 173 25.57 -2.12 17.70
CA ASN B 173 25.39 -0.73 18.13
C ASN B 173 25.46 -0.48 19.65
N ILE B 174 25.53 -1.57 20.41
CA ILE B 174 25.24 -1.44 21.82
C ILE B 174 26.34 -0.71 22.55
N SER B 175 27.59 -0.95 22.19
CA SER B 175 28.68 -0.17 22.73
C SER B 175 28.43 1.35 22.57
N THR B 176 28.03 1.77 21.37
CA THR B 176 27.71 3.19 21.20
C THR B 176 26.57 3.65 22.14
N LEU B 177 25.58 2.79 22.38
CA LEU B 177 24.50 3.12 23.32
C LEU B 177 25.04 3.30 24.73
N LEU B 178 25.84 2.33 25.17
CA LEU B 178 26.40 2.38 26.53
C LEU B 178 27.37 3.52 26.70
N ASN B 179 28.10 3.85 25.64
CA ASN B 179 29.13 4.91 25.70
C ASN B 179 28.62 6.31 25.32
N SER B 180 27.37 6.44 24.90
CA SER B 180 26.84 7.71 24.36
C SER B 180 27.58 8.26 23.13
N GLU B 181 28.16 7.38 22.33
CA GLU B 181 28.79 7.76 21.05
C GLU B 181 27.78 7.70 19.89
N TYR B 182 26.50 7.38 20.14
CA TYR B 182 25.54 7.20 19.02
C TYR B 182 25.05 8.53 18.47
N VAL B 183 24.58 8.54 17.22
CA VAL B 183 23.88 9.71 16.61
C VAL B 183 22.38 9.49 16.27
N GLU B 184 21.54 10.41 16.75
CA GLU B 184 20.08 10.43 16.48
C GLU B 184 19.74 11.29 15.24
N LYS B 185 18.65 10.96 14.57
CA LYS B 185 18.06 11.82 13.58
C LYS B 185 16.55 11.63 13.55
N GLU B 186 15.79 12.73 13.74
CA GLU B 186 14.33 12.62 13.84
C GLU B 186 13.74 11.93 12.61
N GLN B 187 12.66 11.16 12.81
CA GLN B 187 11.99 10.46 11.68
C GLN B 187 11.39 11.43 10.66
N ASN B 188 11.41 11.01 9.40
CA ASN B 188 10.79 11.78 8.32
C ASN B 188 9.29 11.78 8.45
N ILE B 189 8.69 12.85 7.92
CA ILE B 189 7.25 12.94 7.75
C ILE B 189 6.88 12.00 6.57
N LYS B 190 7.58 12.14 5.46
CA LYS B 190 7.21 11.49 4.21
C LYS B 190 7.29 9.94 4.29
N TYR B 191 6.29 9.30 3.72
CA TYR B 191 6.16 7.84 3.72
C TYR B 191 5.87 7.22 5.08
N SER B 192 5.47 8.01 6.06
CA SER B 192 5.21 7.49 7.37
C SER B 192 3.89 6.71 7.34
N SER B 193 3.88 5.45 7.81
CA SER B 193 2.64 4.64 7.87
C SER B 193 2.49 3.98 9.21
N TYR B 194 1.24 3.68 9.57
CA TYR B 194 0.94 3.14 10.90
C TYR B 194 -0.29 2.26 10.85
N TYR B 195 -0.25 1.16 11.59
CA TYR B 195 -1.33 0.20 11.69
C TYR B 195 -1.56 -0.14 13.15
N SER B 196 -2.75 0.19 13.63
CA SER B 196 -3.15 -0.05 15.01
C SER B 196 -3.55 -1.52 15.17
N LYS B 197 -3.83 -1.89 16.42
CA LYS B 197 -4.27 -3.24 16.74
C LYS B 197 -5.61 -3.61 16.06
N LYS B 198 -6.46 -2.61 15.80
CA LYS B 198 -7.73 -2.86 15.16
C LYS B 198 -7.66 -3.16 13.66
N THR B 199 -6.49 -3.06 13.02
CA THR B 199 -6.39 -3.18 11.58
C THR B 199 -6.50 -4.58 11.13
N ILE B 200 -6.15 -5.53 12.01
CA ILE B 200 -6.37 -6.94 11.75
C ILE B 200 -6.95 -7.52 13.01
N ASP B 201 -7.96 -8.38 12.85
CA ASP B 201 -8.58 -9.07 13.97
C ASP B 201 -8.32 -10.55 13.80
N TYR B 202 -7.29 -11.00 14.48
CA TYR B 202 -6.88 -12.38 14.43
C TYR B 202 -7.91 -13.37 15.03
N SER B 203 -8.92 -12.87 15.74
CA SER B 203 -9.96 -13.75 16.25
C SER B 203 -10.94 -14.10 15.13
N ASN B 204 -11.09 -13.24 14.13
CA ASN B 204 -12.03 -13.46 13.03
C ASN B 204 -11.40 -13.29 11.64
N LEU B 205 -10.30 -13.98 11.39
CA LEU B 205 -9.68 -13.95 10.07
C LEU B 205 -10.53 -14.64 9.03
N GLU B 206 -10.93 -13.88 8.02
CA GLU B 206 -11.51 -14.39 6.79
C GLU B 206 -10.63 -13.95 5.62
N LEU B 207 -10.46 -14.87 4.68
CA LEU B 207 -9.83 -14.55 3.44
C LEU B 207 -10.81 -13.77 2.58
N ASN B 208 -10.27 -12.82 1.84
CA ASN B 208 -11.05 -12.00 0.94
C ASN B 208 -10.67 -12.36 -0.47
N PHE B 209 -11.59 -13.04 -1.17
CA PHE B 209 -11.37 -13.43 -2.56
C PHE B 209 -11.85 -12.43 -3.58
N SER B 210 -12.42 -11.30 -3.14
CA SER B 210 -12.66 -10.16 -4.03
C SER B 210 -11.39 -9.29 -4.18
N LYS B 211 -10.35 -9.94 -4.69
CA LYS B 211 -8.99 -9.42 -4.76
C LYS B 211 -8.29 -10.22 -5.84
N THR B 212 -7.09 -9.81 -6.20
CA THR B 212 -6.36 -10.47 -7.26
C THR B 212 -5.65 -11.67 -6.68
N ALA B 213 -5.17 -12.52 -7.56
CA ALA B 213 -4.45 -13.70 -7.15
C ALA B 213 -3.18 -13.35 -6.35
N PHE B 214 -2.43 -12.35 -6.80
CA PHE B 214 -1.32 -11.78 -6.01
C PHE B 214 -1.75 -11.42 -4.58
N GLU B 215 -2.80 -10.62 -4.48
CA GLU B 215 -3.29 -10.21 -3.16
C GLU B 215 -3.79 -11.40 -2.30
N ILE B 216 -4.30 -12.45 -2.95
CA ILE B 216 -4.78 -13.60 -2.19
C ILE B 216 -3.61 -14.45 -1.70
N ILE B 217 -2.63 -14.73 -2.56
CA ILE B 217 -1.43 -15.44 -2.13
C ILE B 217 -0.75 -14.68 -0.97
N ASN B 218 -0.78 -13.36 -1.05
CA ASN B 218 -0.19 -12.56 0.00
C ASN B 218 -1.04 -12.57 1.26
N GLN B 219 -2.35 -12.68 1.14
CA GLN B 219 -3.16 -12.95 2.32
C GLN B 219 -2.72 -14.26 3.02
N LEU B 220 -2.55 -15.32 2.23
CA LEU B 220 -2.12 -16.60 2.76
C LEU B 220 -0.78 -16.48 3.48
N ARG B 221 0.20 -15.90 2.81
CA ARG B 221 1.53 -15.72 3.38
C ARG B 221 1.44 -14.99 4.70
N ALA B 222 0.68 -13.89 4.69
CA ALA B 222 0.54 -13.02 5.82
C ALA B 222 -0.07 -13.68 7.03
N PHE B 223 -0.99 -14.60 6.80
CA PHE B 223 -1.68 -15.26 7.89
C PHE B 223 -1.15 -16.65 8.25
N THR B 224 -0.07 -17.06 7.58
CA THR B 224 0.54 -18.32 7.84
C THR B 224 1.60 -18.18 8.93
N PHE B 225 1.16 -18.32 10.17
CA PHE B 225 2.02 -18.31 11.34
C PHE B 225 1.53 -19.39 12.31
N ARG B 226 2.02 -20.62 12.11
CA ARG B 226 1.38 -21.86 12.59
C ARG B 226 1.05 -21.88 14.07
N GLU B 227 1.94 -21.27 14.84
CA GLU B 227 1.81 -21.19 16.31
C GLU B 227 0.60 -20.44 16.71
N TYR B 228 0.15 -19.48 15.90
CA TYR B 228 -1.09 -18.75 16.23
C TYR B 228 -2.24 -19.31 15.42
N GLN B 229 -2.06 -19.33 14.10
CA GLN B 229 -3.08 -19.81 13.20
C GLN B 229 -2.57 -20.07 11.79
N LEU B 230 -3.42 -20.79 11.05
CA LEU B 230 -3.42 -20.85 9.60
C LEU B 230 -4.74 -20.28 9.02
N PRO B 231 -4.66 -19.74 7.81
CA PRO B 231 -5.91 -19.38 7.12
C PRO B 231 -6.77 -20.60 6.80
N LYS B 232 -8.07 -20.38 6.83
CA LYS B 232 -9.05 -21.41 6.75
C LYS B 232 -9.91 -21.12 5.55
N LEU B 233 -10.28 -22.15 4.83
CA LEU B 233 -11.36 -22.08 3.90
C LEU B 233 -12.35 -23.20 4.21
N ASP B 234 -13.50 -22.84 4.77
CA ASP B 234 -14.52 -23.78 5.28
C ASP B 234 -13.99 -24.60 6.42
N GLY B 235 -13.48 -23.91 7.45
CA GLY B 235 -12.84 -24.59 8.55
C GLY B 235 -11.74 -25.57 8.18
N VAL B 236 -11.15 -25.44 6.98
CA VAL B 236 -10.07 -26.30 6.56
C VAL B 236 -8.81 -25.44 6.51
N ASN B 237 -7.80 -25.86 7.26
CA ASN B 237 -6.53 -25.12 7.38
C ASN B 237 -5.78 -25.25 6.07
N ILE B 238 -5.18 -24.14 5.65
CA ILE B 238 -4.54 -24.02 4.33
C ILE B 238 -3.07 -23.71 4.57
N PHE B 239 -2.16 -24.39 3.87
CA PHE B 239 -0.74 -24.03 3.94
C PHE B 239 -0.23 -23.59 2.56
N LEU B 240 -0.45 -22.31 2.26
CA LEU B 240 -0.04 -21.68 0.98
C LEU B 240 -0.80 -22.25 -0.22
N GLY B 241 -0.24 -22.03 -1.41
CA GLY B 241 -0.98 -22.00 -2.66
C GLY B 241 -0.18 -21.40 -3.81
N ASP B 242 -0.80 -21.35 -4.98
CA ASP B 242 -0.16 -20.88 -6.23
C ASP B 242 -1.24 -20.31 -7.15
N VAL B 243 -0.76 -19.63 -8.19
CA VAL B 243 -1.62 -19.00 -9.13
C VAL B 243 -1.61 -19.85 -10.39
N LEU B 244 -2.75 -20.03 -11.04
CA LEU B 244 -2.82 -20.69 -12.36
C LEU B 244 -2.93 -19.65 -13.45
N SER B 245 -2.75 -20.05 -14.69
CA SER B 245 -2.88 -19.15 -15.82
C SER B 245 -4.32 -19.02 -16.40
N SER B 246 -5.28 -19.79 -15.89
CA SER B 246 -6.67 -19.69 -16.29
C SER B 246 -7.39 -18.64 -15.48
N ARG B 247 -8.40 -17.98 -16.05
CA ARG B 247 -9.25 -17.06 -15.24
C ARG B 247 -10.76 -17.33 -15.32
N SER B 248 -11.27 -17.96 -14.27
CA SER B 248 -12.65 -18.39 -14.25
C SER B 248 -13.57 -17.18 -14.35
N ILE B 249 -14.68 -17.41 -15.04
CA ILE B 249 -15.79 -16.45 -15.21
C ILE B 249 -16.65 -16.37 -13.95
N MET B 250 -16.57 -17.40 -13.11
CA MET B 250 -17.36 -17.49 -11.89
C MET B 250 -16.98 -16.36 -10.95
N LYS B 251 -17.91 -16.04 -10.07
CA LYS B 251 -17.85 -14.91 -9.18
C LYS B 251 -16.67 -15.15 -8.26
N PRO B 252 -15.91 -14.10 -7.91
CA PRO B 252 -14.73 -14.33 -7.05
C PRO B 252 -15.11 -15.04 -5.75
N GLY B 253 -14.43 -16.15 -5.43
CA GLY B 253 -14.77 -16.98 -4.25
C GLY B 253 -15.47 -18.28 -4.58
N SER B 254 -15.95 -18.42 -5.80
CA SER B 254 -16.60 -19.63 -6.21
C SER B 254 -15.52 -20.70 -6.23
N ILE B 255 -15.80 -21.81 -5.55
CA ILE B 255 -14.89 -22.93 -5.56
C ILE B 255 -15.17 -23.69 -6.83
N LEU B 256 -14.11 -23.98 -7.56
CA LEU B 256 -14.20 -24.63 -8.83
C LEU B 256 -13.86 -26.13 -8.78
N GLU B 257 -13.06 -26.55 -7.80
CA GLU B 257 -12.53 -27.90 -7.78
C GLU B 257 -11.99 -28.15 -6.38
N ARG B 258 -12.37 -29.31 -5.81
CA ARG B 258 -11.85 -29.82 -4.54
C ARG B 258 -11.23 -31.19 -4.78
N ASN B 259 -10.28 -31.53 -3.92
CA ASN B 259 -9.78 -32.90 -3.78
C ASN B 259 -9.10 -32.99 -2.42
N ASP B 260 -8.55 -34.16 -2.07
CA ASP B 260 -7.89 -34.35 -0.75
C ASP B 260 -6.75 -33.34 -0.48
N LYS B 261 -6.17 -32.80 -1.55
CA LYS B 261 -4.92 -32.09 -1.51
C LYS B 261 -5.05 -30.57 -1.67
N GLU B 262 -6.09 -30.10 -2.36
CA GLU B 262 -6.17 -28.68 -2.78
C GLU B 262 -7.58 -28.19 -3.09
N ILE B 263 -7.70 -26.86 -3.21
CA ILE B 263 -8.96 -26.18 -3.52
C ILE B 263 -8.68 -25.05 -4.52
N ILE B 264 -9.43 -25.04 -5.62
CA ILE B 264 -9.24 -24.10 -6.72
C ILE B 264 -10.39 -23.09 -6.66
N VAL B 265 -10.04 -21.80 -6.72
CA VAL B 265 -11.00 -20.72 -6.45
C VAL B 265 -10.90 -19.70 -7.58
N SER B 266 -12.03 -19.05 -7.87
CA SER B 266 -12.07 -17.89 -8.77
C SER B 266 -11.67 -16.67 -7.98
N THR B 267 -10.86 -15.80 -8.60
CA THR B 267 -10.46 -14.51 -8.01
C THR B 267 -10.84 -13.41 -8.99
N ILE B 268 -10.40 -12.20 -8.70
CA ILE B 268 -10.63 -11.07 -9.62
C ILE B 268 -9.85 -11.20 -10.91
N ASP B 269 -8.68 -11.85 -10.89
CA ASP B 269 -7.98 -12.13 -12.14
C ASP B 269 -7.73 -13.63 -12.32
N TYR B 270 -6.56 -14.12 -11.96
CA TYR B 270 -6.23 -15.52 -12.22
C TYR B 270 -6.73 -16.44 -11.13
N ASP B 271 -6.99 -17.68 -11.51
CA ASP B 271 -7.42 -18.70 -10.55
C ASP B 271 -6.28 -19.04 -9.57
N VAL B 272 -6.68 -19.46 -8.38
CA VAL B 272 -5.69 -19.78 -7.37
C VAL B 272 -5.96 -21.17 -6.82
N VAL B 273 -4.86 -21.88 -6.57
CA VAL B 273 -4.85 -23.18 -5.89
C VAL B 273 -4.47 -22.91 -4.43
N LEU B 274 -5.32 -23.34 -3.51
CA LEU B 274 -5.00 -23.33 -2.10
C LEU B 274 -4.67 -24.75 -1.72
N TYR B 275 -3.53 -24.98 -1.07
CA TYR B 275 -3.12 -26.32 -0.61
C TYR B 275 -3.64 -26.54 0.81
N LYS B 276 -4.40 -27.60 1.02
CA LYS B 276 -4.83 -28.00 2.35
C LYS B 276 -3.62 -28.41 3.20
N ASP B 277 -3.57 -27.95 4.45
CA ASP B 277 -2.43 -28.26 5.30
C ASP B 277 -2.41 -29.71 5.69
N ASN B 278 -1.28 -30.38 5.47
CA ASN B 278 -1.15 -31.82 5.78
C ASN B 278 0.19 -32.08 6.50
N PHE B 279 0.60 -31.10 7.29
CA PHE B 279 1.90 -31.13 7.96
C PHE B 279 1.97 -32.27 8.97
N LYS B 280 0.90 -32.41 9.75
CA LYS B 280 0.77 -33.52 10.71
C LYS B 280 1.01 -34.88 10.03
N GLU B 281 0.32 -35.13 8.92
CA GLU B 281 0.50 -36.32 8.09
C GLU B 281 1.94 -36.42 7.61
N ILE B 282 2.52 -35.31 7.19
CA ILE B 282 3.91 -35.32 6.66
C ILE B 282 4.94 -35.68 7.73
N LEU B 283 4.78 -35.08 8.89
CA LEU B 283 5.69 -35.31 9.98
C LEU B 283 5.65 -36.77 10.48
N GLU B 284 4.44 -37.33 10.60
CA GLU B 284 4.24 -38.75 10.89
C GLU B 284 4.97 -39.65 9.87
N ALA B 285 4.87 -39.31 8.59
CA ALA B 285 5.45 -40.16 7.54
C ALA B 285 6.97 -40.06 7.45
N CYS B 286 7.57 -39.01 7.98
CA CYS B 286 9.01 -38.87 7.92
C CYS B 286 9.77 -39.86 8.79
N LYS B 287 9.09 -40.55 9.72
CA LYS B 287 9.81 -41.53 10.54
C LYS B 287 10.43 -42.57 9.62
N TYR B 288 9.61 -43.14 8.75
CA TYR B 288 10.04 -44.31 7.95
C TYR B 288 9.93 -44.20 6.46
N SER B 289 9.12 -43.28 5.92
CA SER B 289 8.92 -43.20 4.48
C SER B 289 10.17 -42.65 3.78
N ASP B 290 10.27 -42.90 2.47
CA ASP B 290 11.38 -42.35 1.70
C ASP B 290 11.01 -41.04 1.04
N SER B 291 12.01 -40.38 0.48
CA SER B 291 11.81 -39.14 -0.29
C SER B 291 10.70 -39.20 -1.33
N LYS B 292 10.59 -40.35 -2.01
CA LYS B 292 9.61 -40.55 -3.06
C LYS B 292 8.19 -40.37 -2.54
N TYR B 293 7.91 -40.95 -1.37
CA TYR B 293 6.59 -40.84 -0.70
C TYR B 293 6.31 -39.42 -0.18
N ILE B 294 7.31 -38.81 0.43
CA ILE B 294 7.16 -37.45 0.99
C ILE B 294 6.97 -36.41 -0.15
N ALA B 295 7.70 -36.60 -1.24
CA ALA B 295 7.55 -35.71 -2.43
C ALA B 295 6.12 -35.66 -2.94
N LYS B 296 5.43 -36.79 -2.96
CA LYS B 296 4.06 -36.90 -3.45
C LYS B 296 3.11 -36.13 -2.52
N LEU B 297 3.43 -36.16 -1.23
CA LEU B 297 2.67 -35.47 -0.19
C LEU B 297 2.79 -33.92 -0.14
N ILE B 298 3.87 -33.35 -0.69
CA ILE B 298 4.22 -31.94 -0.58
C ILE B 298 3.59 -31.13 -1.72
N ARG B 299 2.93 -30.01 -1.39
CA ARG B 299 2.60 -29.01 -2.40
C ARG B 299 3.51 -27.79 -2.27
N ALA B 300 3.39 -27.12 -1.12
CA ALA B 300 4.24 -25.99 -0.79
C ALA B 300 5.48 -26.60 -0.12
N LYS B 301 6.64 -26.32 -0.69
CA LYS B 301 7.91 -26.91 -0.28
C LYS B 301 8.39 -26.47 1.12
N SER B 302 8.03 -25.25 1.52
CA SER B 302 8.37 -24.73 2.83
C SER B 302 7.65 -25.45 3.99
N ILE B 303 6.62 -26.25 3.71
CA ILE B 303 5.97 -27.04 4.75
C ILE B 303 6.96 -28.03 5.35
N LEU B 304 8.03 -28.36 4.61
CA LEU B 304 9.09 -29.21 5.11
C LEU B 304 9.93 -28.61 6.26
N PHE B 305 9.79 -27.32 6.56
CA PHE B 305 10.57 -26.72 7.64
C PHE B 305 9.71 -26.36 8.82
N GLU B 306 8.44 -26.75 8.75
CA GLU B 306 7.51 -26.47 9.82
C GLU B 306 7.77 -27.36 11.04
N LYS B 307 7.25 -26.92 12.20
CA LYS B 307 7.48 -27.64 13.46
C LYS B 307 6.19 -27.87 14.28
N ASN B 308 6.14 -28.94 15.07
CA ASN B 308 5.03 -29.11 16.03
C ASN B 308 5.35 -28.41 17.31
N ILE B 309 4.49 -28.53 18.31
CA ILE B 309 4.68 -27.82 19.59
C ILE B 309 5.94 -28.17 20.33
N TYR B 310 6.49 -29.35 20.04
CA TYR B 310 7.77 -29.76 20.65
C TYR B 310 8.97 -29.10 19.98
N GLY B 311 8.79 -28.57 18.76
CA GLY B 311 9.91 -28.19 17.89
C GLY B 311 10.40 -29.32 17.02
N TRP B 312 9.60 -30.37 16.83
CA TRP B 312 9.98 -31.41 15.87
C TRP B 312 9.66 -30.96 14.45
N SER B 313 10.70 -30.85 13.63
CA SER B 313 10.56 -30.68 12.19
C SER B 313 10.82 -32.04 11.51
N PRO B 314 10.52 -32.13 10.20
CA PRO B 314 10.77 -33.34 9.42
C PRO B 314 12.15 -33.90 9.54
N VAL B 315 13.15 -33.05 9.48
CA VAL B 315 14.51 -33.48 9.56
C VAL B 315 14.83 -34.03 10.94
N ILE B 316 14.21 -33.49 11.96
CA ILE B 316 14.44 -33.95 13.29
C ILE B 316 13.77 -35.29 13.54
N VAL B 317 12.55 -35.44 13.03
CA VAL B 317 11.88 -36.72 13.12
C VAL B 317 12.65 -37.76 12.31
N ALA B 318 13.14 -37.40 11.15
CA ALA B 318 13.91 -38.36 10.36
C ALA B 318 15.19 -38.80 11.05
N ALA B 319 15.91 -37.87 11.66
CA ALA B 319 17.15 -38.13 12.45
C ALA B 319 16.96 -39.11 13.59
N TYR B 320 15.88 -38.90 14.32
CA TYR B 320 15.58 -39.71 15.45
C TYR B 320 15.20 -41.14 15.07
N HIS B 321 14.87 -41.37 13.80
CA HIS B 321 14.54 -42.70 13.33
C HIS B 321 15.55 -43.23 12.30
N GLY B 322 16.72 -42.60 12.18
CA GLY B 322 17.78 -43.10 11.30
C GLY B 322 17.44 -43.10 9.81
N ASN B 323 16.49 -42.23 9.41
CA ASN B 323 16.00 -42.12 8.06
C ASN B 323 16.96 -41.25 7.22
N ILE B 324 18.10 -41.85 6.88
CA ILE B 324 19.21 -41.14 6.25
C ILE B 324 18.87 -40.70 4.86
N GLU B 325 18.36 -41.63 4.07
CA GLU B 325 17.94 -41.33 2.70
C GLU B 325 16.99 -40.10 2.70
N LEU B 326 16.00 -40.07 3.59
CA LEU B 326 15.10 -38.93 3.67
C LEU B 326 15.82 -37.62 4.12
N ILE B 327 16.79 -37.72 5.01
CA ILE B 327 17.55 -36.55 5.44
C ILE B 327 18.40 -35.90 4.31
N LYS B 328 18.97 -36.72 3.45
CA LYS B 328 19.73 -36.23 2.30
C LYS B 328 18.79 -35.38 1.42
N TRP B 329 17.60 -35.91 1.19
CA TRP B 329 16.63 -35.24 0.35
C TRP B 329 16.15 -33.93 0.98
N LEU B 330 15.76 -33.99 2.25
CA LEU B 330 15.32 -32.79 2.95
C LEU B 330 16.36 -31.66 2.85
N VAL B 331 17.63 -32.00 3.03
CA VAL B 331 18.69 -31.00 2.98
C VAL B 331 18.73 -30.39 1.61
N SER B 332 18.53 -31.24 0.60
CA SER B 332 18.60 -30.82 -0.77
C SER B 332 17.48 -29.84 -0.98
N LYS B 333 16.36 -30.10 -0.31
CA LYS B 333 15.19 -29.23 -0.34
C LYS B 333 15.37 -27.92 0.40
N GLY B 334 16.44 -27.77 1.20
CA GLY B 334 16.70 -26.55 1.99
C GLY B 334 16.62 -26.69 3.50
N ALA B 335 16.28 -27.88 4.00
CA ALA B 335 16.21 -28.12 5.46
C ALA B 335 17.58 -27.95 6.11
N ASN B 336 17.57 -27.44 7.34
CA ASN B 336 18.77 -27.26 8.13
C ASN B 336 19.23 -28.60 8.76
N ILE B 337 20.45 -28.96 8.47
CA ILE B 337 21.08 -30.19 8.95
C ILE B 337 21.35 -30.10 10.48
N ASN B 338 21.39 -28.88 11.02
CA ASN B 338 21.56 -28.64 12.45
C ASN B 338 20.37 -27.92 13.06
N ASP B 339 19.21 -28.33 12.59
CA ASP B 339 17.96 -27.84 13.08
C ASP B 339 17.80 -28.23 14.54
N ARG B 340 17.16 -27.36 15.31
CA ARG B 340 16.97 -27.51 16.74
C ARG B 340 15.50 -27.59 17.10
N ASN B 341 15.15 -28.32 18.16
CA ASN B 341 13.82 -28.18 18.74
C ASN B 341 13.81 -26.97 19.68
N TYR B 342 12.69 -26.75 20.39
CA TYR B 342 12.54 -25.58 21.27
C TYR B 342 13.27 -25.65 22.63
N LYS B 343 14.02 -26.73 22.86
CA LYS B 343 14.94 -26.86 23.97
C LYS B 343 16.39 -26.72 23.51
N GLY B 344 16.59 -26.47 22.21
CA GLY B 344 17.92 -26.30 21.60
C GLY B 344 18.60 -27.59 21.20
N THR B 345 17.87 -28.70 21.37
CA THR B 345 18.32 -30.05 21.05
C THR B 345 18.53 -30.20 19.51
N THR B 346 19.71 -30.61 19.09
CA THR B 346 20.04 -30.64 17.68
C THR B 346 19.84 -31.97 16.98
N VAL B 347 19.79 -31.91 15.64
CA VAL B 347 19.66 -33.13 14.79
C VAL B 347 20.71 -34.19 15.20
N ALA B 348 21.94 -33.78 15.44
CA ALA B 348 22.96 -34.73 15.92
C ALA B 348 22.57 -35.41 17.24
N MET B 349 21.91 -34.69 18.14
CA MET B 349 21.50 -35.28 19.41
C MET B 349 20.41 -36.32 19.22
N TYR B 350 19.48 -36.05 18.30
CA TYR B 350 18.47 -37.02 17.94
C TYR B 350 19.10 -38.18 17.18
N PHE B 351 20.03 -37.94 16.27
CA PHE B 351 20.62 -39.07 15.55
C PHE B 351 21.35 -40.06 16.46
N LYS B 352 22.00 -39.51 17.46
CA LYS B 352 22.82 -40.30 18.32
C LYS B 352 21.96 -41.31 19.15
N ASP B 353 20.77 -40.87 19.59
CA ASP B 353 19.74 -41.76 20.16
C ASP B 353 19.35 -42.85 19.24
N TYR B 354 19.19 -42.57 17.95
CA TYR B 354 18.97 -43.67 17.01
C TYR B 354 20.18 -44.61 16.96
N MET B 355 21.41 -44.06 16.83
CA MET B 355 22.59 -44.92 16.77
C MET B 355 22.69 -45.77 18.06
N LEU B 356 22.29 -45.19 19.18
CA LEU B 356 22.42 -45.84 20.46
C LEU B 356 21.51 -47.04 20.54
N LYS B 357 20.21 -46.82 20.32
CA LYS B 357 19.20 -47.88 20.33
C LYS B 357 19.48 -48.95 19.29
N SER B 358 19.69 -48.51 18.07
CA SER B 358 19.76 -49.42 16.96
C SER B 358 21.08 -50.17 16.83
N GLY B 359 22.19 -49.58 17.25
CA GLY B 359 23.51 -50.16 16.95
C GLY B 359 23.96 -49.93 15.53
N ASP B 360 23.19 -49.19 14.72
CA ASP B 360 23.56 -48.94 13.32
C ASP B 360 24.16 -47.54 13.26
N TYR B 361 25.48 -47.47 13.01
CA TYR B 361 26.24 -46.24 13.05
C TYR B 361 26.67 -45.74 11.68
N SER B 362 26.44 -46.53 10.64
CA SER B 362 27.00 -46.30 9.30
C SER B 362 26.65 -44.95 8.69
N GLY B 363 25.44 -44.46 8.97
CA GLY B 363 24.92 -43.22 8.40
C GLY B 363 25.57 -41.93 8.85
N LEU B 364 26.35 -41.97 9.92
CA LEU B 364 26.91 -40.74 10.48
C LEU B 364 27.74 -39.98 9.45
N LYS B 365 28.62 -40.67 8.72
CA LYS B 365 29.53 -39.99 7.78
C LYS B 365 28.78 -39.13 6.80
N MET B 366 27.74 -39.71 6.24
CA MET B 366 26.90 -39.02 5.28
C MET B 366 26.43 -37.70 5.90
N LEU B 367 25.86 -37.75 7.10
CA LEU B 367 25.39 -36.53 7.78
C LEU B 367 26.52 -35.54 8.07
N ILE B 368 27.67 -36.05 8.50
CA ILE B 368 28.86 -35.21 8.68
C ILE B 368 29.24 -34.52 7.37
N ASP B 369 29.21 -35.26 6.28
CA ASP B 369 29.46 -34.71 4.97
C ASP B 369 28.40 -33.68 4.51
N LEU B 370 27.16 -33.80 4.99
CA LEU B 370 26.14 -32.77 4.76
C LEU B 370 26.28 -31.54 5.66
N GLY B 371 27.30 -31.49 6.50
CA GLY B 371 27.52 -30.41 7.44
C GLY B 371 26.97 -30.57 8.87
N LEU B 372 26.52 -31.76 9.29
CA LEU B 372 26.18 -31.96 10.71
C LEU B 372 27.29 -31.42 11.64
N ASP B 373 26.86 -30.64 12.63
CA ASP B 373 27.77 -29.98 13.55
C ASP B 373 27.63 -30.56 14.96
N LEU B 374 28.68 -31.25 15.41
CA LEU B 374 28.69 -31.94 16.70
C LEU B 374 29.14 -31.09 17.90
N THR B 375 29.60 -29.86 17.68
CA THR B 375 30.05 -28.97 18.78
C THR B 375 28.89 -28.23 19.37
N LEU B 376 27.74 -28.24 18.71
CA LEU B 376 26.60 -27.43 19.13
C LEU B 376 26.11 -27.83 20.53
N THR B 377 25.72 -26.82 21.31
CA THR B 377 25.10 -27.03 22.64
C THR B 377 23.64 -26.72 22.65
N ASP B 378 22.90 -27.46 23.48
CA ASP B 378 21.49 -27.18 23.73
C ASP B 378 21.36 -26.08 24.77
N TYR B 379 20.14 -25.79 25.22
CA TYR B 379 19.92 -24.68 26.16
C TYR B 379 20.35 -25.00 27.58
N LYS B 380 20.80 -26.23 27.83
CA LYS B 380 21.54 -26.59 29.04
C LYS B 380 23.08 -26.52 28.90
N ASP B 381 23.61 -25.99 27.80
CA ASP B 381 25.09 -26.05 27.50
C ASP B 381 25.73 -27.43 27.40
N TYR B 382 24.92 -28.41 27.02
CA TYR B 382 25.38 -29.76 26.74
C TYR B 382 25.54 -29.94 25.23
N THR B 383 26.70 -30.47 24.85
CA THR B 383 26.89 -31.10 23.58
C THR B 383 26.45 -32.57 23.62
N VAL B 384 26.36 -33.15 22.43
CA VAL B 384 26.08 -34.56 22.29
C VAL B 384 27.12 -35.40 23.05
N PHE B 385 28.36 -34.89 23.09
CA PHE B 385 29.44 -35.57 23.76
C PHE B 385 29.26 -35.54 25.26
N ASP B 386 28.66 -34.47 25.79
CA ASP B 386 28.40 -34.35 27.23
C ASP B 386 27.35 -35.35 27.63
N TYR B 387 26.40 -35.62 26.74
CA TYR B 387 25.37 -36.64 27.02
C TYR B 387 25.98 -38.04 27.03
N LEU B 388 26.95 -38.27 26.15
CA LEU B 388 27.54 -39.59 26.02
C LEU B 388 28.45 -39.90 27.19
N GLU B 389 29.21 -38.88 27.62
CA GLU B 389 30.05 -38.99 28.83
C GLU B 389 29.23 -39.24 30.12
N LYS B 390 28.08 -38.57 30.23
CA LYS B 390 27.16 -38.82 31.32
C LYS B 390 26.49 -40.21 31.28
N SER B 391 26.19 -40.74 30.10
CA SER B 391 25.57 -42.07 29.99
C SER B 391 26.59 -43.18 30.10
N GLY B 392 27.87 -42.85 30.10
CA GLY B 392 28.92 -43.86 30.10
C GLY B 392 29.18 -44.55 28.76
N ASN B 393 28.54 -44.11 27.67
CA ASN B 393 28.72 -44.71 26.34
C ASN B 393 29.99 -44.26 25.61
N LYS B 394 31.11 -44.86 25.96
CA LYS B 394 32.38 -44.45 25.39
C LYS B 394 32.57 -44.89 23.94
N ASN B 395 32.10 -46.07 23.59
CA ASN B 395 32.38 -46.55 22.22
C ASN B 395 31.67 -45.67 21.19
N LEU B 396 30.46 -45.22 21.51
CA LEU B 396 29.71 -44.31 20.64
C LEU B 396 30.38 -42.94 20.59
N LEU B 397 30.82 -42.45 21.76
CA LEU B 397 31.56 -41.21 21.87
C LEU B 397 32.78 -41.22 20.96
N GLN B 398 33.60 -42.23 21.11
CA GLN B 398 34.80 -42.38 20.29
C GLN B 398 34.48 -42.49 18.78
N TYR B 399 33.45 -43.25 18.44
CA TYR B 399 33.10 -43.43 17.05
C TYR B 399 32.69 -42.08 16.44
N MET B 400 31.78 -41.37 17.13
CA MET B 400 31.31 -40.10 16.60
C MET B 400 32.45 -39.12 16.44
N MET B 401 33.31 -39.13 17.45
CA MET B 401 34.46 -38.24 17.47
C MET B 401 35.40 -38.52 16.28
N ALA B 402 35.49 -39.79 15.83
CA ALA B 402 36.42 -40.22 14.78
C ALA B 402 36.05 -39.72 13.37
N PHE B 403 34.75 -39.52 13.16
CA PHE B 403 34.20 -39.03 11.90
C PHE B 403 34.00 -37.50 11.86
N MET B 404 34.28 -36.82 12.95
CA MET B 404 34.01 -35.39 13.10
C MET B 404 35.02 -34.62 12.30
N LYS B 405 34.57 -33.69 11.47
CA LYS B 405 35.50 -32.83 10.72
C LYS B 405 35.52 -31.46 11.36
#